data_3M5W
#
_entry.id   3M5W
#
_cell.length_a   66.153
_cell.length_b   50.604
_cell.length_c   108.640
_cell.angle_alpha   90.00
_cell.angle_beta   107.61
_cell.angle_gamma   90.00
#
_symmetry.space_group_name_H-M   'P 1 21 1'
#
loop_
_entity.id
_entity.type
_entity.pdbx_description
1 polymer 'Tryptophanyl-tRNA synthetase'
2 non-polymer 'SULFATE ION'
3 non-polymer GLYCEROL
4 water water
#
_entity_poly.entity_id   1
_entity_poly.type   'polypeptide(L)'
_entity_poly.pdbx_seq_one_letter_code
;SNA(MSE)RVLTGLQPSGDLHIGNYFGAIKQ(MSE)VDAQEKSQ(MSE)F(MSE)FIANYHA(MSE)TSSQDGEKLKQNS
LKAAAAFLSLGIDPQKSVFWLQSDVKEV(MSE)ELYWILSQFTP(MSE)GLLERAHSYKDKVAKGLSASHGLFSYPVL
(MSE)AADILLFDTRIVPVGKDQIQHVEIARDIALKVNNEWGEIFTLPEARVNEEVAVVVGTDGAK(MSE)SKSYQNTID
IFSSEKTLKKQISSIVTDSTALEDPKDHENCNIFKIAKLFLDESGQKELQIRYEKGGEGYGHFKIYLNELVNAYFKEARE
KYNELLEKPSHLKEILDFGATKARKIAQEK(MSE)QKIYEKIGL
;
_entity_poly.pdbx_strand_id   A,B
#
loop_
_chem_comp.id
_chem_comp.type
_chem_comp.name
_chem_comp.formula
GOL non-polymer GLYCEROL 'C3 H8 O3'
SO4 non-polymer 'SULFATE ION' 'O4 S -2'
#
# COMPACT_ATOMS: atom_id res chain seq x y z
N ALA A 3 11.44 27.17 13.67
CA ALA A 3 11.46 25.90 14.40
C ALA A 3 11.07 24.73 13.49
N MSE A 4 11.85 23.64 13.54
CA MSE A 4 11.71 22.54 12.57
C MSE A 4 10.60 21.53 12.93
O MSE A 4 10.22 21.42 14.07
CB MSE A 4 13.04 21.81 12.36
CG MSE A 4 14.12 22.68 11.72
SE MSE A 4 15.86 21.78 11.59
CE MSE A 4 16.29 21.59 13.48
N ARG A 5 10.07 20.81 11.93
CA ARG A 5 9.03 19.83 12.25
C ARG A 5 9.63 18.45 12.66
N VAL A 6 9.29 18.03 13.88
CA VAL A 6 9.86 16.85 14.48
C VAL A 6 8.71 15.85 14.50
N LEU A 7 8.96 14.67 13.94
CA LEU A 7 7.95 13.62 13.89
C LEU A 7 8.52 12.32 14.47
N THR A 8 7.79 11.74 15.40
CA THR A 8 8.20 10.52 16.07
C THR A 8 7.09 9.52 15.85
N GLY A 9 7.46 8.35 15.34
CA GLY A 9 6.55 7.22 15.42
C GLY A 9 6.75 6.58 16.81
N LEU A 10 5.71 5.97 17.33
CA LEU A 10 5.72 5.43 18.68
C LEU A 10 5.31 3.97 18.61
N GLN A 11 6.09 3.10 19.23
CA GLN A 11 5.82 1.67 19.21
C GLN A 11 4.67 1.31 20.14
N PRO A 12 3.57 0.79 19.61
CA PRO A 12 2.48 0.33 20.49
C PRO A 12 2.85 -0.94 21.24
N SER A 13 3.78 -1.69 20.69
CA SER A 13 4.05 -3.00 21.24
C SER A 13 4.71 -2.93 22.60
N GLY A 14 4.20 -3.71 23.54
CA GLY A 14 4.90 -3.96 24.78
C GLY A 14 4.49 -3.06 25.94
N ASP A 15 5.41 -2.88 26.88
CA ASP A 15 5.14 -2.12 28.07
C ASP A 15 6.20 -1.06 28.26
N LEU A 16 5.74 0.16 28.45
CA LEU A 16 6.67 1.27 28.65
C LEU A 16 7.44 1.11 29.96
N HIS A 17 8.74 1.34 29.89
CA HIS A 17 9.55 1.27 31.08
C HIS A 17 10.30 2.57 31.34
N ILE A 18 10.97 2.62 32.48
CA ILE A 18 11.53 3.87 32.99
C ILE A 18 12.76 4.29 32.19
N GLY A 19 13.33 3.34 31.45
CA GLY A 19 14.29 3.66 30.41
C GLY A 19 13.68 4.50 29.30
N ASN A 20 12.58 4.02 28.74
CA ASN A 20 11.77 4.82 27.81
C ASN A 20 11.50 6.22 28.35
N TYR A 21 11.18 6.29 29.64
CA TYR A 21 10.68 7.53 30.24
C TYR A 21 11.78 8.58 30.33
N PHE A 22 12.82 8.28 31.10
CA PHE A 22 13.90 9.23 31.32
C PHE A 22 14.82 9.30 30.10
N GLY A 23 14.66 8.37 29.18
CA GLY A 23 15.56 8.23 28.05
C GLY A 23 15.07 8.97 26.82
N ALA A 24 13.77 8.82 26.53
CA ALA A 24 13.19 9.41 25.34
C ALA A 24 12.05 10.35 25.68
N ILE A 25 11.08 9.86 26.44
CA ILE A 25 9.75 10.47 26.49
C ILE A 25 9.80 11.83 27.19
N LYS A 26 10.45 11.86 28.35
CA LYS A 26 10.45 13.06 29.18
C LYS A 26 10.99 14.27 28.42
N GLN A 27 12.07 14.06 27.68
CA GLN A 27 12.63 15.09 26.83
C GLN A 27 11.60 15.53 25.74
N MSE A 28 10.99 14.54 25.12
CA MSE A 28 10.01 14.80 24.10
C MSE A 28 8.78 15.54 24.66
O MSE A 28 8.23 16.39 23.99
CB MSE A 28 9.64 13.50 23.38
CG MSE A 28 8.18 13.21 23.23
SE MSE A 28 7.87 11.53 22.31
CE MSE A 28 7.04 12.24 20.74
N VAL A 29 8.40 15.24 25.88
CA VAL A 29 7.24 15.87 26.49
C VAL A 29 7.55 17.31 26.84
N ASP A 30 8.81 17.58 27.17
CA ASP A 30 9.24 18.95 27.50
C ASP A 30 9.55 19.79 26.25
N ALA A 31 9.57 19.15 25.08
CA ALA A 31 9.85 19.86 23.86
C ALA A 31 8.55 20.38 23.19
N GLN A 32 7.41 20.05 23.77
CA GLN A 32 6.12 20.37 23.15
C GLN A 32 5.84 21.87 23.15
N GLU A 33 6.64 22.65 23.85
CA GLU A 33 6.46 24.10 23.90
C GLU A 33 7.20 24.85 22.79
N LYS A 34 8.40 24.39 22.46
CA LYS A 34 9.24 25.09 21.50
C LYS A 34 8.93 24.68 20.06
N SER A 35 7.98 23.77 19.88
CA SER A 35 7.63 23.33 18.55
C SER A 35 6.30 22.59 18.56
N GLN A 36 5.65 22.54 17.40
CA GLN A 36 4.51 21.66 17.22
C GLN A 36 5.04 20.28 16.89
N MSE A 37 5.00 19.41 17.86
CA MSE A 37 5.50 18.05 17.68
C MSE A 37 4.41 17.25 17.01
O MSE A 37 3.22 17.46 17.30
CB MSE A 37 5.75 17.40 19.04
CG MSE A 37 6.63 18.19 19.98
SE MSE A 37 8.43 17.54 19.85
CE MSE A 37 9.04 18.67 18.40
N PHE A 38 4.82 16.31 16.18
CA PHE A 38 3.93 15.31 15.66
C PHE A 38 4.37 13.98 16.19
N MSE A 39 3.44 13.19 16.69
CA MSE A 39 3.72 11.86 17.20
C MSE A 39 2.59 10.91 16.91
O MSE A 39 1.43 11.27 17.04
CB MSE A 39 3.98 11.90 18.70
CG MSE A 39 5.01 12.92 19.09
SE MSE A 39 4.31 14.18 20.35
CE MSE A 39 4.86 13.28 21.95
N PHE A 40 2.92 9.69 16.52
CA PHE A 40 1.88 8.72 16.20
C PHE A 40 2.25 7.33 16.72
N ILE A 41 1.27 6.64 17.29
CA ILE A 41 1.35 5.20 17.48
C ILE A 41 1.31 4.46 16.15
N ALA A 42 2.49 4.10 15.65
CA ALA A 42 2.59 3.33 14.41
C ALA A 42 2.04 1.93 14.58
N ASN A 43 0.71 1.80 14.51
CA ASN A 43 0.05 0.51 14.69
C ASN A 43 0.01 -0.29 13.39
N TYR A 44 0.32 0.36 12.28
CA TYR A 44 0.51 -0.33 11.01
C TYR A 44 1.74 -1.23 11.04
N HIS A 45 2.83 -0.70 11.60
CA HIS A 45 4.11 -1.42 11.64
C HIS A 45 4.03 -2.59 12.61
N ALA A 46 3.12 -2.45 13.56
CA ALA A 46 2.90 -3.44 14.57
C ALA A 46 2.40 -4.72 13.92
N MSE A 47 1.82 -4.59 12.74
CA MSE A 47 1.19 -5.76 12.10
C MSE A 47 2.21 -6.64 11.40
O MSE A 47 1.90 -7.79 11.05
CB MSE A 47 0.13 -5.34 11.10
CG MSE A 47 -1.06 -4.61 11.64
SE MSE A 47 -2.11 -3.73 10.13
CE MSE A 47 -3.15 -2.51 11.32
N THR A 48 3.40 -6.12 11.18
CA THR A 48 4.41 -6.93 10.51
C THR A 48 4.75 -8.10 11.47
N SER A 49 4.79 -7.84 12.78
CA SER A 49 5.17 -8.89 13.72
C SER A 49 4.03 -9.63 14.44
N SER A 50 2.78 -9.22 14.21
CA SER A 50 1.64 -9.94 14.80
C SER A 50 0.33 -9.70 14.07
N GLN A 51 -0.49 -10.74 14.02
CA GLN A 51 -1.81 -10.62 13.44
C GLN A 51 -2.93 -11.01 14.38
N ASP A 52 -2.61 -11.09 15.67
CA ASP A 52 -3.64 -11.22 16.70
C ASP A 52 -4.32 -9.86 16.95
N GLY A 53 -5.48 -9.69 16.36
CA GLY A 53 -6.16 -8.40 16.35
C GLY A 53 -6.44 -7.85 17.73
N GLU A 54 -7.01 -8.70 18.57
CA GLU A 54 -7.48 -8.23 19.87
C GLU A 54 -6.33 -7.76 20.72
N LYS A 55 -5.18 -8.42 20.57
CA LYS A 55 -3.96 -8.02 21.26
C LYS A 55 -3.40 -6.75 20.67
N LEU A 56 -3.45 -6.65 19.34
CA LEU A 56 -2.98 -5.44 18.67
C LEU A 56 -3.86 -4.24 19.05
N LYS A 57 -5.16 -4.44 19.15
CA LYS A 57 -6.08 -3.35 19.42
C LYS A 57 -5.77 -2.75 20.78
N GLN A 58 -5.74 -3.63 21.78
CA GLN A 58 -5.45 -3.26 23.15
C GLN A 58 -4.12 -2.55 23.28
N ASN A 59 -3.11 -3.08 22.60
CA ASN A 59 -1.78 -2.52 22.64
C ASN A 59 -1.80 -1.08 22.21
N SER A 60 -2.65 -0.78 21.24
CA SER A 60 -2.81 0.59 20.78
C SER A 60 -3.54 1.53 21.77
N LEU A 61 -4.66 1.09 22.32
CA LEU A 61 -5.31 1.87 23.35
C LEU A 61 -4.36 2.10 24.49
N LYS A 62 -3.60 1.05 24.86
CA LYS A 62 -2.78 1.13 26.06
C LYS A 62 -1.60 2.06 25.78
N ALA A 63 -1.04 1.96 24.57
CA ALA A 63 0.04 2.85 24.16
C ALA A 63 -0.46 4.27 24.16
N ALA A 64 -1.67 4.45 23.64
CA ALA A 64 -2.28 5.76 23.60
C ALA A 64 -2.33 6.39 24.98
N ALA A 65 -2.95 5.65 25.89
CA ALA A 65 -3.16 6.17 27.22
C ALA A 65 -1.82 6.41 27.92
N ALA A 66 -0.88 5.50 27.69
CA ALA A 66 0.41 5.62 28.35
C ALA A 66 1.11 6.90 27.96
N PHE A 67 1.11 7.25 26.69
CA PHE A 67 1.82 8.47 26.26
C PHE A 67 1.15 9.75 26.71
N LEU A 68 -0.18 9.75 26.72
CA LEU A 68 -0.95 10.87 27.23
C LEU A 68 -0.63 11.07 28.72
N SER A 69 -0.72 9.99 29.50
CA SER A 69 -0.52 10.12 30.94
C SER A 69 0.91 10.50 31.31
N LEU A 70 1.86 10.19 30.45
CA LEU A 70 3.23 10.62 30.68
C LEU A 70 3.48 12.03 30.18
N GLY A 71 2.43 12.69 29.69
CA GLY A 71 2.49 14.12 29.42
C GLY A 71 2.42 14.62 28.00
N ILE A 72 2.06 13.77 27.04
CA ILE A 72 1.71 14.28 25.72
C ILE A 72 0.39 15.05 25.84
N ASP A 73 0.44 16.31 25.40
CA ASP A 73 -0.71 17.19 25.42
C ASP A 73 -1.26 17.35 23.99
N PRO A 74 -2.42 16.74 23.72
CA PRO A 74 -3.00 16.74 22.37
C PRO A 74 -3.37 18.15 21.84
N GLN A 75 -3.41 19.12 22.73
CA GLN A 75 -3.62 20.51 22.32
C GLN A 75 -2.38 21.13 21.70
N LYS A 76 -1.25 20.99 22.37
CA LYS A 76 0.04 21.52 21.90
C LYS A 76 0.53 20.78 20.68
N SER A 77 0.48 19.47 20.77
CA SER A 77 1.12 18.70 19.73
C SER A 77 0.10 18.03 18.82
N VAL A 78 0.56 17.35 17.78
CA VAL A 78 -0.35 16.58 16.94
C VAL A 78 -0.13 15.10 17.15
N PHE A 79 -1.13 14.48 17.76
CA PHE A 79 -0.96 13.15 18.27
C PHE A 79 -2.05 12.23 17.79
N TRP A 80 -1.69 11.15 17.16
CA TRP A 80 -2.74 10.32 16.58
C TRP A 80 -2.36 8.87 16.40
N LEU A 81 -3.35 8.07 16.08
CA LEU A 81 -3.18 6.66 15.73
C LEU A 81 -2.94 6.53 14.19
N GLN A 82 -1.88 5.81 13.82
CA GLN A 82 -1.41 5.83 12.44
C GLN A 82 -2.49 5.47 11.41
N SER A 83 -3.17 4.38 11.68
CA SER A 83 -4.19 3.82 10.83
C SER A 83 -5.44 4.68 10.72
N ASP A 84 -5.50 5.75 11.49
CA ASP A 84 -6.61 6.70 11.42
C ASP A 84 -6.43 7.67 10.23
N VAL A 85 -5.19 7.83 9.79
CA VAL A 85 -4.85 8.65 8.62
C VAL A 85 -4.43 7.77 7.39
N LYS A 86 -5.41 7.28 6.66
CA LYS A 86 -5.16 6.23 5.66
C LYS A 86 -4.40 6.66 4.42
N GLU A 87 -4.27 7.99 4.27
CA GLU A 87 -3.44 8.62 3.26
C GLU A 87 -2.05 7.98 3.14
N VAL A 88 -1.52 7.49 4.26
CA VAL A 88 -0.13 7.12 4.25
C VAL A 88 0.05 5.89 3.42
N MSE A 89 -1.05 5.16 3.30
CA MSE A 89 -1.11 3.87 2.67
C MSE A 89 -0.93 4.04 1.15
O MSE A 89 -0.13 3.39 0.51
CB MSE A 89 -2.48 3.30 3.04
CG MSE A 89 -2.57 1.81 3.11
SE MSE A 89 -1.50 1.04 4.52
CE MSE A 89 0.21 1.01 3.63
N GLU A 90 -1.61 5.02 0.60
CA GLU A 90 -1.54 5.33 -0.81
C GLU A 90 -0.19 5.99 -1.15
N LEU A 91 0.38 6.76 -0.23
CA LEU A 91 1.68 7.34 -0.49
C LEU A 91 2.76 6.25 -0.48
N TYR A 92 2.62 5.33 0.46
CA TYR A 92 3.42 4.13 0.47
C TYR A 92 3.45 3.53 -0.97
N TRP A 93 2.29 3.30 -1.57
CA TRP A 93 2.26 2.71 -2.90
C TRP A 93 3.05 3.55 -3.91
N ILE A 94 2.92 4.87 -3.81
CA ILE A 94 3.64 5.74 -4.70
C ILE A 94 5.14 5.78 -4.48
N LEU A 95 5.56 5.78 -3.23
CA LEU A 95 6.97 5.80 -2.97
C LEU A 95 7.62 4.54 -3.43
N SER A 96 6.87 3.43 -3.44
CA SER A 96 7.43 2.14 -3.90
C SER A 96 7.93 2.21 -5.31
N GLN A 97 7.20 2.94 -6.15
CA GLN A 97 7.57 3.04 -7.55
C GLN A 97 8.92 3.77 -7.72
N PHE A 98 9.30 4.55 -6.72
CA PHE A 98 10.56 5.27 -6.76
C PHE A 98 11.60 4.57 -5.95
N THR A 99 11.28 3.41 -5.41
CA THR A 99 12.28 2.71 -4.60
C THR A 99 12.95 1.53 -5.27
N PRO A 100 14.24 1.65 -5.55
CA PRO A 100 15.04 0.50 -6.02
C PRO A 100 15.07 -0.62 -4.98
N MSE A 101 14.92 -1.86 -5.46
CA MSE A 101 15.01 -3.02 -4.57
C MSE A 101 16.27 -2.97 -3.71
O MSE A 101 16.21 -3.07 -2.49
CB MSE A 101 14.98 -4.31 -5.39
CG MSE A 101 13.61 -4.69 -5.91
SE MSE A 101 12.35 -5.08 -4.47
CE MSE A 101 12.84 -6.94 -4.12
N GLY A 102 17.42 -2.81 -4.37
CA GLY A 102 18.70 -2.83 -3.69
C GLY A 102 18.67 -2.02 -2.40
N LEU A 103 18.03 -0.85 -2.45
CA LEU A 103 17.90 0.00 -1.28
C LEU A 103 17.34 -0.78 -0.09
N LEU A 104 16.34 -1.61 -0.35
CA LEU A 104 15.66 -2.36 0.71
C LEU A 104 16.43 -3.62 1.09
N GLU A 105 17.10 -4.20 0.10
CA GLU A 105 17.79 -5.48 0.30
C GLU A 105 18.89 -5.23 1.30
N ARG A 106 19.50 -4.06 1.22
CA ARG A 106 20.61 -3.70 2.08
C ARG A 106 20.19 -3.17 3.48
N ALA A 107 18.89 -2.93 3.65
CA ALA A 107 18.33 -2.62 4.96
C ALA A 107 18.49 -3.78 5.93
N HIS A 108 18.21 -3.53 7.20
CA HIS A 108 19.01 -4.10 8.30
C HIS A 108 18.13 -4.90 9.25
N SER A 109 16.94 -4.39 9.53
CA SER A 109 15.94 -5.13 10.29
C SER A 109 15.47 -6.35 9.51
N TYR A 110 15.51 -6.26 8.18
CA TYR A 110 15.26 -7.41 7.32
C TYR A 110 16.54 -8.24 7.15
N LYS A 111 17.60 -7.60 6.69
CA LYS A 111 18.89 -8.27 6.53
C LYS A 111 19.22 -9.11 7.76
N ASP A 112 19.30 -8.47 8.91
CA ASP A 112 19.79 -9.12 10.12
C ASP A 112 18.89 -10.27 10.53
N ALA A 120 10.46 -14.42 6.91
CA ALA A 120 10.63 -13.25 6.03
C ALA A 120 9.43 -12.97 5.11
N SER A 121 8.54 -12.10 5.56
CA SER A 121 7.30 -11.77 4.89
C SER A 121 7.49 -10.44 4.13
N HIS A 122 6.66 -10.17 3.13
CA HIS A 122 6.79 -8.93 2.37
C HIS A 122 6.55 -7.70 3.29
N GLY A 123 5.66 -7.82 4.27
CA GLY A 123 5.45 -6.77 5.30
C GLY A 123 6.75 -6.31 5.91
N LEU A 124 7.61 -7.29 6.19
CA LEU A 124 8.85 -7.04 6.93
C LEU A 124 9.90 -6.41 6.02
N PHE A 125 9.98 -6.95 4.83
CA PHE A 125 10.86 -6.38 3.82
C PHE A 125 10.49 -4.92 3.50
N SER A 126 9.19 -4.62 3.50
CA SER A 126 8.67 -3.42 2.87
C SER A 126 8.52 -2.25 3.80
N TYR A 127 8.52 -2.51 5.09
CA TYR A 127 8.10 -1.49 6.01
C TYR A 127 8.94 -0.25 6.01
N PRO A 128 10.18 -0.32 5.53
CA PRO A 128 10.91 0.96 5.42
C PRO A 128 10.27 1.99 4.45
N VAL A 129 9.55 1.50 3.45
CA VAL A 129 8.92 2.40 2.51
C VAL A 129 7.73 3.01 3.22
N LEU A 130 7.06 2.21 4.02
CA LEU A 130 5.90 2.71 4.69
C LEU A 130 6.31 3.77 5.68
N MSE A 131 7.48 3.58 6.27
CA MSE A 131 8.08 4.55 7.19
C MSE A 131 8.44 5.86 6.49
O MSE A 131 8.19 6.94 7.03
CB MSE A 131 9.35 3.91 7.75
CG MSE A 131 9.85 4.53 9.01
SE MSE A 131 10.90 3.16 9.95
CE MSE A 131 11.34 2.05 8.43
N ALA A 132 9.01 5.77 5.29
CA ALA A 132 9.32 6.94 4.48
C ALA A 132 8.07 7.73 4.18
N ALA A 133 6.96 7.04 3.95
CA ALA A 133 5.66 7.64 3.72
C ALA A 133 5.18 8.46 4.91
N ASP A 134 5.34 7.94 6.11
CA ASP A 134 4.95 8.63 7.32
C ASP A 134 5.77 9.89 7.50
N ILE A 135 7.07 9.78 7.25
CA ILE A 135 7.99 10.89 7.36
C ILE A 135 7.68 11.94 6.30
N LEU A 136 7.52 11.50 5.06
CA LEU A 136 7.44 12.43 3.95
C LEU A 136 6.08 13.08 3.90
N LEU A 137 5.06 12.38 4.38
CA LEU A 137 3.71 12.92 4.28
C LEU A 137 3.60 14.27 5.00
N PHE A 138 4.43 14.46 6.03
CA PHE A 138 4.29 15.61 6.90
C PHE A 138 5.48 16.57 6.83
N ASP A 139 6.23 16.51 5.75
CA ASP A 139 7.41 17.37 5.55
C ASP A 139 8.28 17.42 6.81
N THR A 140 8.56 16.25 7.35
CA THR A 140 9.38 16.14 8.54
C THR A 140 10.80 16.62 8.30
N ARG A 141 11.29 17.52 9.15
CA ARG A 141 12.70 17.90 9.06
C ARG A 141 13.52 16.92 9.82
N ILE A 142 13.05 16.62 11.04
CA ILE A 142 13.79 15.84 12.02
C ILE A 142 13.05 14.59 12.46
N VAL A 143 13.73 13.46 12.40
CA VAL A 143 13.15 12.25 12.96
C VAL A 143 13.99 11.78 14.13
N PRO A 144 13.49 11.97 15.37
CA PRO A 144 14.24 11.49 16.53
C PRO A 144 14.22 9.97 16.52
N VAL A 145 15.40 9.36 16.48
CA VAL A 145 15.51 7.91 16.49
C VAL A 145 16.68 7.46 17.36
N GLY A 146 16.90 6.15 17.42
CA GLY A 146 18.15 5.60 17.89
C GLY A 146 18.98 4.99 16.78
N LYS A 147 20.23 4.67 17.07
CA LYS A 147 21.15 4.13 16.08
C LYS A 147 20.46 3.06 15.24
N ASP A 148 19.57 2.29 15.87
CA ASP A 148 18.99 1.12 15.23
C ASP A 148 18.12 1.51 14.03
N GLN A 149 17.65 2.76 14.05
CA GLN A 149 16.63 3.20 13.09
C GLN A 149 17.18 4.28 12.17
N ILE A 150 18.48 4.53 12.25
CA ILE A 150 19.11 5.60 11.50
C ILE A 150 19.05 5.41 9.98
N GLN A 151 19.31 4.20 9.51
CA GLN A 151 19.31 3.99 8.09
C GLN A 151 17.90 3.98 7.48
N HIS A 152 16.87 3.92 8.33
CA HIS A 152 15.50 4.00 7.84
C HIS A 152 15.16 5.42 7.42
N VAL A 153 15.43 6.35 8.33
CA VAL A 153 15.48 7.75 7.99
C VAL A 153 16.32 8.04 6.73
N GLU A 154 17.48 7.40 6.58
CA GLU A 154 18.32 7.78 5.45
C GLU A 154 17.73 7.23 4.15
N ILE A 155 16.98 6.14 4.28
CA ILE A 155 16.26 5.54 3.18
C ILE A 155 15.09 6.39 2.75
N ALA A 156 14.35 6.98 3.69
CA ALA A 156 13.33 7.95 3.33
C ALA A 156 13.99 9.13 2.65
N ARG A 157 15.13 9.56 3.17
CA ARG A 157 15.77 10.70 2.55
C ARG A 157 16.14 10.29 1.12
N ASP A 158 16.62 9.07 0.93
CA ASP A 158 16.99 8.65 -0.41
C ASP A 158 15.77 8.63 -1.33
N ILE A 159 14.62 8.15 -0.83
CA ILE A 159 13.44 8.09 -1.66
C ILE A 159 13.04 9.50 -2.07
N ALA A 160 12.93 10.39 -1.07
CA ALA A 160 12.76 11.84 -1.29
C ALA A 160 13.63 12.41 -2.37
N LEU A 161 14.93 12.11 -2.37
CA LEU A 161 15.80 12.66 -3.42
C LEU A 161 15.42 12.12 -4.80
N LYS A 162 15.07 10.85 -4.84
CA LYS A 162 14.68 10.19 -6.06
C LYS A 162 13.42 10.82 -6.66
N VAL A 163 12.42 11.04 -5.80
CA VAL A 163 11.19 11.73 -6.21
C VAL A 163 11.44 13.20 -6.59
N ASN A 164 12.25 13.92 -5.83
CA ASN A 164 12.46 15.32 -6.13
C ASN A 164 13.09 15.50 -7.52
N ASN A 165 14.09 14.68 -7.81
N ASN A 165 14.09 14.66 -7.81
CA ASN A 165 14.78 14.75 -9.10
CA ASN A 165 14.79 14.66 -9.09
C ASN A 165 13.87 14.42 -10.26
C ASN A 165 13.79 14.53 -10.22
N GLU A 166 12.78 13.69 -9.99
CA GLU A 166 11.80 13.38 -11.02
C GLU A 166 10.65 14.39 -11.09
N TRP A 167 10.25 14.95 -9.95
CA TRP A 167 9.06 15.78 -9.90
C TRP A 167 9.28 17.24 -9.48
N GLY A 168 10.51 17.64 -9.20
CA GLY A 168 10.75 18.93 -8.58
C GLY A 168 10.68 18.75 -7.06
N GLU A 169 11.07 19.76 -6.28
CA GLU A 169 11.15 19.57 -4.83
C GLU A 169 9.75 19.49 -4.27
N ILE A 170 9.23 18.27 -4.13
CA ILE A 170 7.94 18.07 -3.51
C ILE A 170 8.15 17.67 -2.02
N PHE A 171 9.30 17.13 -1.66
CA PHE A 171 9.52 16.65 -0.28
C PHE A 171 10.68 17.31 0.44
N THR A 172 10.44 17.60 1.70
CA THR A 172 11.47 17.98 2.65
C THR A 172 12.36 16.79 2.88
N LEU A 173 13.66 17.02 2.98
CA LEU A 173 14.57 15.92 3.23
C LEU A 173 14.72 15.75 4.74
N PRO A 174 14.28 14.60 5.26
CA PRO A 174 14.26 14.42 6.71
C PRO A 174 15.68 14.16 7.19
N GLU A 175 15.94 14.48 8.45
CA GLU A 175 17.24 14.27 9.05
C GLU A 175 17.05 13.56 10.35
N ALA A 176 17.76 12.46 10.51
CA ALA A 176 17.74 11.72 11.78
C ALA A 176 18.40 12.51 12.87
N ARG A 177 17.80 12.50 14.05
CA ARG A 177 18.45 13.03 15.24
C ARG A 177 18.58 11.90 16.25
N VAL A 178 19.75 11.78 16.85
CA VAL A 178 19.96 10.81 17.93
C VAL A 178 20.40 11.49 19.22
N ALA A 183 22.20 9.60 27.76
CA ALA A 183 22.79 8.96 28.95
C ALA A 183 22.01 7.74 29.48
N VAL A 184 22.60 6.56 29.34
CA VAL A 184 21.92 5.28 29.56
C VAL A 184 21.22 5.11 30.92
N VAL A 185 19.93 4.74 30.89
CA VAL A 185 19.27 4.16 32.04
C VAL A 185 19.69 2.69 32.09
N VAL A 186 20.28 2.24 33.22
CA VAL A 186 20.59 0.82 33.36
C VAL A 186 19.37 -0.02 33.67
N GLY A 187 19.39 -1.22 33.12
CA GLY A 187 18.34 -2.15 33.42
C GLY A 187 18.69 -2.93 34.66
N THR A 188 17.92 -3.99 34.87
CA THR A 188 17.89 -4.80 36.08
C THR A 188 19.23 -5.52 36.34
N ASP A 189 19.96 -5.75 35.26
CA ASP A 189 21.16 -6.57 35.25
C ASP A 189 22.40 -5.72 34.98
N GLY A 190 22.26 -4.42 34.99
CA GLY A 190 23.39 -3.56 34.66
C GLY A 190 23.37 -3.10 33.20
N ALA A 191 22.77 -3.85 32.32
CA ALA A 191 22.84 -3.48 30.92
C ALA A 191 21.87 -2.35 30.65
N LYS A 192 21.94 -1.80 29.45
CA LYS A 192 20.93 -0.89 28.97
C LYS A 192 19.59 -1.51 29.28
N MSE A 193 18.68 -0.74 29.84
CA MSE A 193 17.34 -1.27 30.04
C MSE A 193 16.66 -1.47 28.69
O MSE A 193 16.69 -0.56 27.84
CB MSE A 193 16.52 -0.33 30.92
CG MSE A 193 15.18 -0.93 31.27
SE MSE A 193 14.07 0.10 32.53
CE MSE A 193 14.99 -0.28 34.24
N SER A 194 16.07 -2.63 28.45
CA SER A 194 15.38 -2.83 27.18
C SER A 194 14.46 -4.03 27.24
N LYS A 195 13.33 -3.92 26.56
CA LYS A 195 12.39 -5.02 26.54
C LYS A 195 13.06 -6.32 26.11
N SER A 196 13.91 -6.24 25.09
CA SER A 196 14.55 -7.44 24.56
C SER A 196 15.51 -8.11 25.56
N TYR A 197 16.14 -7.33 26.44
CA TYR A 197 16.98 -7.93 27.48
C TYR A 197 16.23 -8.48 28.69
N GLN A 198 14.90 -8.34 28.65
CA GLN A 198 13.99 -8.50 29.80
C GLN A 198 14.56 -8.01 31.16
N ASN A 199 15.06 -6.79 31.24
CA ASN A 199 15.67 -6.29 32.44
C ASN A 199 15.02 -4.96 32.87
N THR A 200 13.69 -4.83 32.68
CA THR A 200 13.06 -3.51 32.77
C THR A 200 12.30 -3.39 34.04
N ILE A 201 12.09 -2.13 34.45
CA ILE A 201 11.10 -1.76 35.43
C ILE A 201 10.05 -0.93 34.67
N ASP A 202 8.88 -1.52 34.54
CA ASP A 202 7.72 -0.98 33.91
C ASP A 202 7.03 0.09 34.72
N ILE A 203 6.43 1.03 34.00
CA ILE A 203 5.80 2.18 34.58
C ILE A 203 4.36 1.85 34.96
N PHE A 204 3.61 1.18 34.08
CA PHE A 204 2.18 0.98 34.32
C PHE A 204 1.81 -0.40 34.83
N SER A 205 2.67 -0.94 35.65
CA SER A 205 2.44 -2.26 36.15
C SER A 205 1.83 -2.11 37.52
N SER A 206 1.24 -3.19 38.04
CA SER A 206 0.80 -3.30 39.43
C SER A 206 1.95 -3.16 40.45
N GLU A 207 1.64 -2.66 41.64
CA GLU A 207 2.59 -2.65 42.75
C GLU A 207 3.28 -4.02 42.98
N LYS A 208 2.54 -5.09 42.80
CA LYS A 208 3.08 -6.42 43.01
C LYS A 208 4.14 -6.70 41.95
N THR A 209 3.83 -6.36 40.71
CA THR A 209 4.73 -6.59 39.61
C THR A 209 5.96 -5.66 39.73
N LEU A 210 5.74 -4.42 40.13
CA LEU A 210 6.86 -3.52 40.32
C LEU A 210 7.79 -4.06 41.43
N LYS A 211 7.25 -4.61 42.49
CA LYS A 211 8.13 -5.10 43.55
C LYS A 211 8.98 -6.24 43.04
N LYS A 212 8.38 -7.15 42.24
CA LYS A 212 9.14 -8.24 41.63
C LYS A 212 10.30 -7.80 40.75
N GLN A 213 10.05 -6.83 39.86
CA GLN A 213 11.06 -6.24 39.00
C GLN A 213 12.19 -5.59 39.80
N ILE A 214 11.84 -4.83 40.82
CA ILE A 214 12.88 -4.18 41.58
C ILE A 214 13.68 -5.21 42.39
N SER A 215 13.03 -6.27 42.81
CA SER A 215 13.73 -7.40 43.49
C SER A 215 14.81 -8.04 42.60
N SER A 216 14.52 -8.18 41.30
CA SER A 216 15.49 -8.83 40.41
C SER A 216 16.74 -8.00 40.20
N ILE A 217 16.81 -6.79 40.74
CA ILE A 217 17.99 -6.01 40.42
C ILE A 217 19.24 -6.73 40.93
N VAL A 218 20.24 -6.89 40.08
CA VAL A 218 21.46 -7.62 40.42
C VAL A 218 22.40 -6.78 41.31
N THR A 219 22.91 -7.35 42.40
CA THR A 219 23.77 -6.58 43.31
C THR A 219 25.12 -7.22 43.58
N ASP A 220 25.97 -6.52 44.34
CA ASP A 220 27.19 -7.11 44.88
C ASP A 220 26.81 -8.17 45.88
N SER A 221 27.76 -9.03 46.19
CA SER A 221 27.59 -9.99 47.27
C SER A 221 27.80 -9.34 48.64
N THR A 222 28.17 -8.05 48.65
CA THR A 222 28.62 -7.39 49.87
C THR A 222 27.70 -7.65 51.05
N ALA A 223 28.30 -7.87 52.21
CA ALA A 223 27.57 -8.22 53.42
C ALA A 223 26.82 -7.03 54.00
N LEU A 224 25.72 -7.31 54.69
CA LEU A 224 24.81 -6.28 55.18
C LEU A 224 25.54 -5.28 56.05
N GLU A 225 26.56 -5.76 56.76
N GLU A 225 26.56 -5.77 56.75
CA GLU A 225 27.21 -4.98 57.80
CA GLU A 225 27.23 -4.99 57.79
C GLU A 225 28.18 -3.92 57.24
C GLU A 225 28.19 -3.93 57.25
N ASP A 226 28.76 -4.21 56.09
CA ASP A 226 29.81 -3.35 55.52
C ASP A 226 29.32 -2.27 54.55
N PRO A 227 30.17 -1.25 54.34
CA PRO A 227 30.09 -0.21 53.31
C PRO A 227 29.91 -0.85 51.97
N LYS A 228 28.96 -0.35 51.19
CA LYS A 228 28.67 -0.89 49.87
C LYS A 228 29.06 0.15 48.80
N ASP A 229 29.51 -0.33 47.64
CA ASP A 229 29.88 0.61 46.59
C ASP A 229 28.65 1.04 45.83
N HIS A 230 28.28 2.30 46.01
CA HIS A 230 27.13 2.89 45.33
C HIS A 230 27.44 3.29 43.89
N GLU A 231 28.69 3.66 43.63
CA GLU A 231 29.12 3.97 42.26
C GLU A 231 28.90 2.84 41.26
N ASN A 232 29.00 1.61 41.71
CA ASN A 232 28.72 0.50 40.81
C ASN A 232 27.43 -0.27 41.11
N CYS A 233 26.62 0.21 42.04
CA CYS A 233 25.35 -0.45 42.35
C CYS A 233 24.20 -0.04 41.43
N ASN A 234 23.62 -1.03 40.76
CA ASN A 234 22.50 -0.79 39.87
C ASN A 234 21.32 -0.16 40.60
N ILE A 235 21.15 -0.48 41.88
CA ILE A 235 20.02 0.08 42.60
C ILE A 235 20.21 1.55 42.73
N PHE A 236 21.40 1.94 43.17
CA PHE A 236 21.71 3.37 43.29
C PHE A 236 21.62 4.10 41.91
N LYS A 237 22.02 3.44 40.85
CA LYS A 237 21.98 4.05 39.54
C LYS A 237 20.54 4.32 39.06
N ILE A 238 19.64 3.37 39.28
CA ILE A 238 18.25 3.64 39.00
C ILE A 238 17.69 4.75 39.90
N ALA A 239 18.11 4.76 41.15
CA ALA A 239 17.54 5.66 42.10
C ALA A 239 17.94 7.07 41.75
N LYS A 240 19.14 7.20 41.18
CA LYS A 240 19.68 8.50 40.81
C LYS A 240 18.64 9.23 40.00
N LEU A 241 17.83 8.48 39.27
CA LEU A 241 16.85 9.08 38.37
C LEU A 241 15.73 9.71 39.11
N PHE A 242 15.58 9.30 40.35
CA PHE A 242 14.42 9.73 41.11
C PHE A 242 14.74 10.76 42.17
N LEU A 243 16.02 11.13 42.30
CA LEU A 243 16.48 12.02 43.39
C LEU A 243 17.40 13.15 42.92
N ASP A 244 17.28 14.30 43.57
CA ASP A 244 18.28 15.37 43.41
C ASP A 244 19.57 15.08 44.18
N GLU A 245 20.53 16.00 44.06
CA GLU A 245 21.83 15.88 44.70
C GLU A 245 21.72 15.59 46.21
N SER A 246 20.75 16.20 46.86
CA SER A 246 20.67 15.99 48.30
C SER A 246 20.16 14.60 48.64
N GLY A 247 19.16 14.11 47.90
CA GLY A 247 18.63 12.79 48.14
C GLY A 247 19.65 11.72 47.73
N GLN A 248 20.49 12.07 46.78
CA GLN A 248 21.52 11.17 46.31
C GLN A 248 22.64 11.06 47.33
N LYS A 249 22.90 12.16 48.01
CA LYS A 249 23.93 12.21 49.04
C LYS A 249 23.49 11.39 50.24
N GLU A 250 22.24 11.55 50.62
CA GLU A 250 21.70 10.86 51.77
C GLU A 250 21.69 9.35 51.61
N LEU A 251 21.49 8.89 50.38
CA LEU A 251 21.50 7.46 50.13
C LEU A 251 22.91 6.93 50.00
N GLN A 252 23.80 7.76 49.47
CA GLN A 252 25.21 7.41 49.41
C GLN A 252 25.77 7.24 50.82
N ILE A 253 25.45 8.18 51.67
CA ILE A 253 25.81 8.04 53.05
C ILE A 253 25.28 6.70 53.65
N ARG A 254 24.13 6.22 53.20
CA ARG A 254 23.61 4.96 53.74
C ARG A 254 24.40 3.76 53.21
N TYR A 255 24.77 3.82 51.94
CA TYR A 255 25.64 2.79 51.37
C TYR A 255 26.94 2.67 52.21
N GLU A 256 27.59 3.80 52.46
CA GLU A 256 28.90 3.84 53.09
C GLU A 256 28.82 3.44 54.55
N LYS A 257 27.94 4.10 55.28
CA LYS A 257 27.74 3.80 56.69
C LYS A 257 27.67 2.29 57.03
N GLY A 258 27.15 1.46 56.12
CA GLY A 258 26.95 0.04 56.43
C GLY A 258 25.71 -0.16 57.28
N GLY A 259 25.35 -1.41 57.58
CA GLY A 259 24.21 -1.68 58.46
C GLY A 259 22.81 -1.73 57.86
N GLU A 260 22.75 -1.54 56.53
CA GLU A 260 21.52 -1.69 55.75
C GLU A 260 21.87 -2.53 54.54
N GLY A 261 20.99 -3.46 54.21
CA GLY A 261 21.25 -4.34 53.10
C GLY A 261 20.73 -3.79 51.80
N TYR A 262 21.06 -4.49 50.73
CA TYR A 262 20.61 -4.10 49.40
C TYR A 262 19.10 -4.17 49.38
N GLY A 263 18.56 -5.09 50.19
CA GLY A 263 17.11 -5.27 50.29
C GLY A 263 16.39 -4.04 50.84
N HIS A 264 17.03 -3.33 51.76
CA HIS A 264 16.46 -2.12 52.31
C HIS A 264 16.37 -1.04 51.25
N PHE A 265 17.39 -0.98 50.40
CA PHE A 265 17.49 -0.04 49.31
C PHE A 265 16.44 -0.30 48.24
N LYS A 266 16.17 -1.58 47.99
CA LYS A 266 15.09 -1.93 47.08
C LYS A 266 13.76 -1.40 47.58
N ILE A 267 13.54 -1.47 48.88
CA ILE A 267 12.27 -1.02 49.42
C ILE A 267 12.17 0.46 49.14
N TYR A 268 13.28 1.15 49.34
CA TYR A 268 13.35 2.56 49.06
C TYR A 268 13.11 2.90 47.56
N LEU A 269 13.70 2.13 46.66
CA LEU A 269 13.56 2.35 45.21
C LEU A 269 12.14 2.11 44.78
N ASN A 270 11.58 1.00 45.26
CA ASN A 270 10.14 0.79 45.23
C ASN A 270 9.34 2.02 45.61
N GLU A 271 9.55 2.59 46.79
CA GLU A 271 8.68 3.70 47.08
C GLU A 271 8.93 4.90 46.21
N LEU A 272 10.18 5.12 45.83
CA LEU A 272 10.53 6.21 44.90
C LEU A 272 9.85 6.09 43.53
N VAL A 273 9.77 4.87 43.03
CA VAL A 273 9.26 4.66 41.69
C VAL A 273 7.73 4.77 41.70
N ASN A 274 7.08 4.25 42.73
N ASN A 274 7.12 4.27 42.75
CA ASN A 274 5.63 4.45 42.88
CA ASN A 274 5.70 4.38 42.92
C ASN A 274 5.23 5.89 42.96
C ASN A 274 5.21 5.82 43.03
N ALA A 275 5.90 6.60 43.85
CA ALA A 275 5.53 7.99 44.08
C ALA A 275 5.71 8.80 42.79
N TYR A 276 6.78 8.52 42.06
CA TYR A 276 7.14 9.32 40.91
C TYR A 276 6.07 9.20 39.81
N PHE A 277 5.54 8.00 39.62
CA PHE A 277 4.61 7.72 38.54
C PHE A 277 3.18 7.55 39.03
N LYS A 278 2.89 8.00 40.24
CA LYS A 278 1.56 7.77 40.79
C LYS A 278 0.47 8.42 39.97
N GLU A 279 0.74 9.63 39.51
CA GLU A 279 -0.21 10.44 38.77
C GLU A 279 -0.45 9.87 37.36
N ALA A 280 0.65 9.62 36.65
CA ALA A 280 0.62 9.01 35.33
C ALA A 280 -0.14 7.69 35.35
N ARG A 281 0.11 6.87 36.35
CA ARG A 281 -0.64 5.64 36.55
C ARG A 281 -2.14 5.85 36.71
N GLU A 282 -2.54 6.87 37.45
CA GLU A 282 -3.95 7.13 37.74
C GLU A 282 -4.68 7.64 36.52
N LYS A 283 -4.02 8.56 35.83
CA LYS A 283 -4.45 9.08 34.53
C LYS A 283 -4.60 7.98 33.45
N TYR A 284 -3.58 7.13 33.34
CA TYR A 284 -3.65 5.88 32.57
C TYR A 284 -4.88 5.08 32.87
N ASN A 285 -5.10 4.75 34.13
CA ASN A 285 -6.28 3.97 34.44
C ASN A 285 -7.58 4.74 34.14
N GLU A 286 -7.62 6.04 34.32
CA GLU A 286 -8.83 6.78 34.00
C GLU A 286 -9.07 6.68 32.52
N LEU A 287 -8.01 6.78 31.73
CA LEU A 287 -8.17 6.71 30.30
C LEU A 287 -8.68 5.39 29.83
N LEU A 288 -8.30 4.30 30.47
CA LEU A 288 -8.71 3.02 29.99
C LEU A 288 -10.09 2.63 30.52
N GLU A 289 -10.52 3.22 31.65
CA GLU A 289 -11.85 2.90 32.20
C GLU A 289 -12.98 3.61 31.44
N LYS A 290 -12.72 4.83 30.96
CA LYS A 290 -13.60 5.57 30.05
C LYS A 290 -12.96 5.77 28.67
N PRO A 291 -12.95 4.72 27.85
CA PRO A 291 -12.24 4.66 26.55
C PRO A 291 -12.86 5.50 25.45
N SER A 292 -14.03 6.06 25.72
CA SER A 292 -14.70 6.91 24.75
C SER A 292 -13.98 8.27 24.74
N HIS A 293 -13.43 8.63 25.89
CA HIS A 293 -12.59 9.82 25.98
C HIS A 293 -11.23 9.65 25.26
N LEU A 294 -10.66 8.46 25.36
CA LEU A 294 -9.43 8.13 24.65
C LEU A 294 -9.67 8.24 23.15
N LYS A 295 -10.71 7.57 22.68
CA LYS A 295 -11.08 7.66 21.28
C LYS A 295 -11.21 9.13 20.84
N GLU A 296 -12.03 9.89 21.55
CA GLU A 296 -12.13 11.31 21.27
C GLU A 296 -10.80 12.07 21.21
N ILE A 297 -9.89 11.82 22.14
CA ILE A 297 -8.60 12.49 22.07
C ILE A 297 -7.86 12.07 20.79
N LEU A 298 -7.91 10.78 20.49
CA LEU A 298 -7.23 10.28 19.31
C LEU A 298 -7.85 10.75 17.98
N ASP A 299 -9.20 10.86 17.96
CA ASP A 299 -9.95 11.40 16.83
C ASP A 299 -9.66 12.86 16.56
N PHE A 300 -9.32 13.57 17.63
CA PHE A 300 -9.07 14.98 17.58
C PHE A 300 -7.67 15.20 17.03
N GLY A 301 -6.76 14.32 17.42
CA GLY A 301 -5.43 14.38 16.89
C GLY A 301 -5.44 13.97 15.41
N ALA A 302 -6.27 12.99 15.06
CA ALA A 302 -6.28 12.50 13.68
C ALA A 302 -6.78 13.59 12.73
N THR A 303 -7.71 14.40 13.19
CA THR A 303 -8.20 15.51 12.41
C THR A 303 -7.10 16.49 12.02
N LYS A 304 -6.29 16.92 12.99
CA LYS A 304 -5.19 17.83 12.65
C LYS A 304 -4.22 17.22 11.66
N ALA A 305 -3.87 15.95 11.87
CA ALA A 305 -2.96 15.22 10.98
C ALA A 305 -3.57 14.93 9.60
N ARG A 306 -4.84 14.53 9.57
CA ARG A 306 -5.53 14.31 8.32
C ARG A 306 -5.57 15.60 7.47
N LYS A 307 -5.68 16.77 8.11
CA LYS A 307 -5.62 18.02 7.38
C LYS A 307 -4.26 18.30 6.73
N ILE A 308 -3.16 18.12 7.45
CA ILE A 308 -1.84 18.22 6.82
C ILE A 308 -1.63 17.16 5.72
N ALA A 309 -2.11 15.96 5.98
CA ALA A 309 -1.90 14.85 5.10
C ALA A 309 -2.74 15.07 3.86
N GLN A 310 -4.00 15.43 4.02
CA GLN A 310 -4.82 15.65 2.82
C GLN A 310 -4.21 16.69 1.88
N GLU A 311 -3.53 17.67 2.46
CA GLU A 311 -2.98 18.75 1.66
C GLU A 311 -1.66 18.42 0.93
N LYS A 312 -0.82 17.56 1.54
CA LYS A 312 0.34 17.06 0.83
C LYS A 312 -0.13 16.17 -0.32
N MSE A 313 -1.09 15.29 0.00
CA MSE A 313 -1.65 14.39 -0.97
C MSE A 313 -2.17 15.06 -2.26
O MSE A 313 -2.04 14.50 -3.35
CB MSE A 313 -2.74 13.51 -0.35
CG MSE A 313 -2.20 12.44 0.55
SE MSE A 313 -0.64 11.40 -0.13
CE MSE A 313 -1.45 10.88 -1.67
N GLN A 314 -2.78 16.22 -2.12
CA GLN A 314 -3.34 16.93 -3.26
C GLN A 314 -2.22 17.27 -4.21
N LYS A 315 -1.09 17.68 -3.66
CA LYS A 315 0.08 17.99 -4.46
C LYS A 315 0.67 16.72 -5.10
N ILE A 316 0.75 15.62 -4.35
CA ILE A 316 1.13 14.34 -4.92
C ILE A 316 0.20 13.95 -6.04
N TYR A 317 -1.09 14.06 -5.79
CA TYR A 317 -2.07 13.68 -6.79
C TYR A 317 -1.83 14.44 -8.13
N GLU A 318 -1.45 15.72 -8.06
CA GLU A 318 -1.13 16.46 -9.29
C GLU A 318 0.02 15.79 -10.04
N LYS A 319 1.03 15.33 -9.31
CA LYS A 319 2.21 14.75 -9.92
C LYS A 319 1.92 13.35 -10.49
N ILE A 320 1.07 12.61 -9.78
CA ILE A 320 0.83 11.23 -10.16
C ILE A 320 -0.47 11.07 -10.95
N GLY A 321 -1.28 12.13 -11.00
CA GLY A 321 -2.45 12.15 -11.86
C GLY A 321 -3.73 11.60 -11.27
N LEU A 322 -3.95 11.82 -9.97
CA LEU A 322 -5.19 11.41 -9.31
C LEU A 322 -6.31 12.49 -9.15
N ASN B 2 -27.94 -17.28 -9.72
CA ASN B 2 -26.69 -17.73 -9.11
C ASN B 2 -25.44 -17.55 -10.00
N ALA B 3 -25.05 -16.31 -10.29
CA ALA B 3 -23.88 -16.10 -11.16
C ALA B 3 -22.62 -15.74 -10.38
N MSE B 4 -21.62 -16.61 -10.39
CA MSE B 4 -20.40 -16.29 -9.66
C MSE B 4 -19.64 -15.06 -10.15
O MSE B 4 -19.72 -14.64 -11.29
CB MSE B 4 -19.48 -17.47 -9.44
CG MSE B 4 -19.27 -18.37 -10.59
SE MSE B 4 -18.67 -20.11 -9.91
CE MSE B 4 -17.71 -20.60 -11.49
N ARG B 5 -18.90 -14.48 -9.23
CA ARG B 5 -18.36 -13.15 -9.43
C ARG B 5 -17.09 -13.24 -10.23
N VAL B 6 -17.03 -12.46 -11.31
CA VAL B 6 -15.93 -12.45 -12.25
C VAL B 6 -15.32 -11.07 -12.24
N LEU B 7 -14.00 -10.97 -12.18
CA LEU B 7 -13.33 -9.70 -11.92
C LEU B 7 -12.18 -9.55 -12.88
N THR B 8 -12.09 -8.38 -13.49
CA THR B 8 -11.13 -8.16 -14.55
C THR B 8 -10.52 -6.79 -14.39
N GLY B 9 -9.19 -6.77 -14.38
CA GLY B 9 -8.43 -5.54 -14.32
C GLY B 9 -8.15 -5.12 -15.73
N LEU B 10 -8.45 -3.88 -16.05
CA LEU B 10 -8.31 -3.38 -17.42
C LEU B 10 -7.17 -2.39 -17.40
N GLN B 11 -6.17 -2.67 -18.21
CA GLN B 11 -5.00 -1.80 -18.37
C GLN B 11 -5.34 -0.45 -19.05
N PRO B 12 -5.01 0.67 -18.38
CA PRO B 12 -5.27 2.01 -18.95
C PRO B 12 -4.36 2.41 -20.14
N SER B 13 -3.22 1.76 -20.31
CA SER B 13 -2.31 2.15 -21.38
C SER B 13 -2.63 1.59 -22.80
N GLY B 14 -2.19 2.33 -23.83
CA GLY B 14 -2.14 1.84 -25.20
C GLY B 14 -3.43 2.15 -25.95
N ASP B 15 -3.41 1.99 -27.26
CA ASP B 15 -4.61 2.21 -28.04
C ASP B 15 -5.40 0.92 -28.29
N LEU B 16 -6.70 0.95 -28.00
CA LEU B 16 -7.51 -0.24 -28.22
C LEU B 16 -7.59 -0.53 -29.73
N HIS B 17 -7.61 -1.78 -30.12
CA HIS B 17 -7.74 -2.06 -31.54
C HIS B 17 -8.70 -3.22 -31.85
N ILE B 18 -8.81 -3.51 -33.13
CA ILE B 18 -9.76 -4.49 -33.65
C ILE B 18 -9.68 -5.82 -32.92
N GLY B 19 -8.44 -6.23 -32.61
CA GLY B 19 -8.20 -7.48 -31.93
C GLY B 19 -8.68 -7.46 -30.48
N ASN B 20 -8.30 -6.40 -29.78
CA ASN B 20 -8.82 -6.14 -28.43
C ASN B 20 -10.34 -6.28 -28.41
N TYR B 21 -11.02 -5.84 -29.47
CA TYR B 21 -12.46 -5.93 -29.46
C TYR B 21 -13.01 -7.30 -29.89
N PHE B 22 -12.66 -7.77 -31.07
CA PHE B 22 -13.30 -9.03 -31.49
C PHE B 22 -12.71 -10.18 -30.72
N GLY B 23 -11.59 -9.90 -30.06
CA GLY B 23 -10.84 -10.86 -29.29
C GLY B 23 -11.29 -10.99 -27.86
N ALA B 24 -11.50 -9.91 -27.14
CA ALA B 24 -11.75 -10.06 -25.71
C ALA B 24 -12.93 -9.25 -25.27
N ILE B 25 -13.05 -8.04 -25.84
CA ILE B 25 -13.97 -7.07 -25.27
C ILE B 25 -15.42 -7.37 -25.59
N LYS B 26 -15.68 -7.81 -26.82
CA LYS B 26 -17.04 -8.12 -27.20
C LYS B 26 -17.60 -9.23 -26.28
N GLN B 27 -16.78 -10.25 -26.03
CA GLN B 27 -17.20 -11.37 -25.17
C GLN B 27 -17.48 -10.94 -23.75
N MSE B 28 -16.65 -10.04 -23.25
CA MSE B 28 -16.84 -9.46 -21.92
C MSE B 28 -18.14 -8.63 -21.84
O MSE B 28 -18.97 -8.80 -20.94
CB MSE B 28 -15.59 -8.65 -21.53
CG MSE B 28 -15.73 -7.76 -20.31
SE MSE B 28 -14.05 -6.84 -20.04
CE MSE B 28 -14.29 -5.39 -21.31
N VAL B 29 -18.34 -7.75 -22.83
CA VAL B 29 -19.55 -6.95 -22.94
C VAL B 29 -20.79 -7.81 -23.00
N ASP B 30 -20.70 -8.95 -23.67
CA ASP B 30 -21.89 -9.80 -23.83
C ASP B 30 -22.08 -10.68 -22.64
N ALA B 31 -21.01 -10.90 -21.87
CA ALA B 31 -21.17 -11.64 -20.62
C ALA B 31 -22.00 -10.87 -19.58
N GLN B 32 -22.01 -9.54 -19.65
CA GLN B 32 -22.67 -8.72 -18.64
C GLN B 32 -24.06 -9.22 -18.19
N GLU B 33 -24.84 -9.74 -19.13
CA GLU B 33 -26.21 -10.06 -18.85
C GLU B 33 -26.40 -11.24 -17.87
N LYS B 34 -25.71 -12.35 -18.14
CA LYS B 34 -25.95 -13.56 -17.36
C LYS B 34 -24.82 -13.83 -16.39
N SER B 35 -23.75 -13.03 -16.47
CA SER B 35 -22.64 -13.10 -15.52
C SER B 35 -22.68 -11.97 -14.49
N GLN B 36 -21.94 -12.14 -13.40
CA GLN B 36 -21.82 -11.02 -12.48
C GLN B 36 -20.43 -10.42 -12.63
N MSE B 37 -20.34 -9.34 -13.41
CA MSE B 37 -19.07 -8.77 -13.82
C MSE B 37 -18.66 -7.53 -13.02
O MSE B 37 -19.43 -6.61 -12.84
CB MSE B 37 -19.11 -8.43 -15.30
CG MSE B 37 -19.56 -9.58 -16.19
SE MSE B 37 -18.12 -10.72 -16.75
CE MSE B 37 -17.26 -9.51 -17.96
N PHE B 38 -17.42 -7.57 -12.55
CA PHE B 38 -16.76 -6.45 -11.90
C PHE B 38 -15.55 -6.16 -12.78
N MSE B 39 -15.39 -4.91 -13.17
CA MSE B 39 -14.28 -4.56 -14.05
C MSE B 39 -13.74 -3.25 -13.54
O MSE B 39 -14.51 -2.32 -13.27
CB MSE B 39 -14.75 -4.38 -15.51
CG MSE B 39 -15.14 -5.68 -16.27
SE MSE B 39 -16.72 -5.42 -17.44
CE MSE B 39 -17.85 -4.76 -16.01
N PHE B 40 -12.43 -3.14 -13.38
CA PHE B 40 -11.93 -1.85 -12.98
C PHE B 40 -10.79 -1.44 -13.89
N ILE B 41 -10.65 -0.12 -14.03
CA ILE B 41 -9.47 0.46 -14.61
C ILE B 41 -8.34 0.48 -13.59
N ALA B 42 -7.28 -0.23 -13.93
CA ALA B 42 -6.21 -0.55 -13.03
C ALA B 42 -5.16 0.56 -13.04
N ASN B 43 -5.53 1.71 -12.48
CA ASN B 43 -4.63 2.85 -12.55
C ASN B 43 -3.56 2.82 -11.48
N TYR B 44 -3.72 2.02 -10.42
CA TYR B 44 -2.58 1.87 -9.50
C TYR B 44 -1.46 1.07 -10.15
N HIS B 45 -1.80 0.02 -10.89
CA HIS B 45 -0.75 -0.73 -11.54
C HIS B 45 0.00 0.06 -12.59
N ALA B 46 -0.71 0.98 -13.25
CA ALA B 46 -0.11 1.82 -14.29
C ALA B 46 1.05 2.63 -13.71
N MSE B 47 0.96 2.92 -12.40
CA MSE B 47 1.96 3.75 -11.77
C MSE B 47 3.33 3.12 -11.68
O MSE B 47 4.35 3.83 -11.45
CB MSE B 47 1.51 4.16 -10.38
CG MSE B 47 0.26 4.96 -10.39
SE MSE B 47 -0.22 5.36 -8.54
CE MSE B 47 -1.98 6.18 -8.95
N THR B 48 3.39 1.80 -11.83
CA THR B 48 4.67 1.14 -11.81
C THR B 48 5.41 1.39 -13.14
N SER B 49 4.65 1.62 -14.21
CA SER B 49 5.29 1.72 -15.53
C SER B 49 5.79 3.14 -15.79
N SER B 50 5.02 4.12 -15.32
CA SER B 50 5.22 5.55 -15.58
C SER B 50 4.89 6.34 -14.30
N GLN B 51 5.60 7.45 -14.07
CA GLN B 51 5.21 8.33 -12.97
C GLN B 51 4.79 9.68 -13.52
N ASP B 52 4.53 9.70 -14.81
CA ASP B 52 4.12 10.93 -15.51
C ASP B 52 2.62 11.20 -15.35
N GLY B 53 2.25 11.92 -14.29
CA GLY B 53 0.85 12.10 -13.89
C GLY B 53 -0.11 12.64 -14.93
N GLU B 54 0.36 13.56 -15.73
CA GLU B 54 -0.51 14.18 -16.70
C GLU B 54 -0.96 13.15 -17.76
N LYS B 55 -0.01 12.35 -18.24
CA LYS B 55 -0.34 11.20 -19.08
C LYS B 55 -1.22 10.13 -18.42
N LEU B 56 -0.90 9.78 -17.17
CA LEU B 56 -1.61 8.72 -16.48
C LEU B 56 -3.07 9.06 -16.33
N LYS B 57 -3.33 10.32 -16.04
CA LYS B 57 -4.72 10.74 -15.86
C LYS B 57 -5.52 10.63 -17.10
N GLN B 58 -4.96 11.06 -18.22
N GLN B 58 -4.91 11.08 -18.20
CA GLN B 58 -5.75 11.05 -19.42
CA GLN B 58 -5.53 11.11 -19.51
C GLN B 58 -5.86 9.62 -20.01
C GLN B 58 -5.81 9.67 -19.98
N ASN B 59 -4.81 8.82 -19.87
CA ASN B 59 -4.98 7.42 -20.15
C ASN B 59 -6.09 6.81 -19.32
N SER B 60 -6.17 7.15 -18.05
CA SER B 60 -7.25 6.56 -17.28
C SER B 60 -8.62 6.92 -17.82
N LEU B 61 -8.86 8.22 -18.00
CA LEU B 61 -10.05 8.72 -18.64
C LEU B 61 -10.31 8.07 -19.99
N LYS B 62 -9.32 8.12 -20.88
CA LYS B 62 -9.51 7.53 -22.21
C LYS B 62 -9.96 6.08 -22.11
N ALA B 63 -9.30 5.35 -21.22
CA ALA B 63 -9.61 3.95 -21.00
C ALA B 63 -11.06 3.73 -20.57
N ALA B 64 -11.47 4.50 -19.57
CA ALA B 64 -12.82 4.41 -19.03
C ALA B 64 -13.85 4.75 -20.12
N ALA B 65 -13.54 5.77 -20.90
CA ALA B 65 -14.43 6.22 -21.93
C ALA B 65 -14.48 5.15 -23.02
N ALA B 66 -13.33 4.57 -23.39
CA ALA B 66 -13.31 3.52 -24.42
C ALA B 66 -14.16 2.31 -24.09
N PHE B 67 -14.03 1.77 -22.87
CA PHE B 67 -14.77 0.56 -22.50
C PHE B 67 -16.25 0.84 -22.36
N LEU B 68 -16.58 1.96 -21.78
CA LEU B 68 -17.96 2.33 -21.70
C LEU B 68 -18.54 2.37 -23.13
N SER B 69 -17.76 2.92 -24.04
CA SER B 69 -18.18 3.08 -25.43
C SER B 69 -18.42 1.78 -26.15
N LEU B 70 -17.58 0.78 -25.86
CA LEU B 70 -17.63 -0.50 -26.52
C LEU B 70 -18.68 -1.41 -25.90
N GLY B 71 -19.33 -0.95 -24.86
CA GLY B 71 -20.51 -1.65 -24.41
C GLY B 71 -20.55 -2.02 -22.95
N ILE B 72 -19.53 -1.66 -22.18
CA ILE B 72 -19.68 -1.85 -20.73
C ILE B 72 -20.83 -1.03 -20.18
N ASP B 73 -21.75 -1.72 -19.51
CA ASP B 73 -22.95 -1.10 -18.98
C ASP B 73 -22.87 -0.97 -17.46
N PRO B 74 -22.69 0.27 -16.97
CA PRO B 74 -22.51 0.55 -15.54
C PRO B 74 -23.71 0.08 -14.72
N GLN B 75 -24.82 -0.17 -15.38
CA GLN B 75 -25.98 -0.62 -14.65
C GLN B 75 -26.01 -2.15 -14.48
N LYS B 76 -25.61 -2.91 -15.51
CA LYS B 76 -25.50 -4.38 -15.37
C LYS B 76 -24.26 -4.85 -14.62
N SER B 77 -23.27 -3.98 -14.52
CA SER B 77 -21.96 -4.39 -14.10
C SER B 77 -21.54 -3.52 -12.95
N VAL B 78 -20.39 -3.82 -12.39
CA VAL B 78 -19.73 -2.89 -11.48
C VAL B 78 -18.47 -2.45 -12.20
N PHE B 79 -18.36 -1.16 -12.48
CA PHE B 79 -17.25 -0.67 -13.29
C PHE B 79 -16.62 0.53 -12.64
N TRP B 80 -15.34 0.47 -12.31
CA TRP B 80 -14.82 1.59 -11.58
C TRP B 80 -13.37 1.76 -11.89
N LEU B 81 -12.85 2.93 -11.52
CA LEU B 81 -11.44 3.26 -11.56
C LEU B 81 -10.80 2.80 -10.24
N GLN B 82 -9.72 2.04 -10.33
CA GLN B 82 -9.15 1.36 -9.15
C GLN B 82 -9.01 2.27 -7.96
N SER B 83 -8.40 3.43 -8.22
CA SER B 83 -8.02 4.36 -7.18
C SER B 83 -9.17 5.06 -6.48
N ASP B 84 -10.38 4.91 -7.01
CA ASP B 84 -11.57 5.41 -6.33
C ASP B 84 -11.97 4.54 -5.15
N VAL B 85 -11.51 3.28 -5.12
CA VAL B 85 -11.79 2.40 -3.97
C VAL B 85 -10.54 2.16 -3.13
N LYS B 86 -10.32 3.09 -2.20
CA LYS B 86 -9.07 3.14 -1.48
C LYS B 86 -8.79 2.02 -0.47
N GLU B 87 -9.84 1.31 -0.01
CA GLU B 87 -9.69 0.19 0.90
C GLU B 87 -8.64 -0.77 0.38
N VAL B 88 -8.58 -0.91 -0.94
CA VAL B 88 -7.63 -1.82 -1.53
C VAL B 88 -6.17 -1.61 -1.11
N MSE B 89 -5.73 -0.37 -0.84
CA MSE B 89 -4.34 -0.11 -0.37
C MSE B 89 -4.04 -0.70 1.01
O MSE B 89 -2.94 -1.17 1.30
CB MSE B 89 -4.04 1.37 -0.26
CG MSE B 89 -3.98 2.07 -1.56
SE MSE B 89 -2.30 1.70 -2.45
CE MSE B 89 -2.53 -0.07 -3.19
N GLU B 90 -5.02 -0.59 1.86
CA GLU B 90 -4.95 -1.04 3.21
C GLU B 90 -4.90 -2.57 3.23
N LEU B 91 -5.74 -3.20 2.43
CA LEU B 91 -5.78 -4.65 2.36
C LEU B 91 -4.43 -5.16 1.83
N TYR B 92 -3.83 -4.34 1.00
CA TYR B 92 -2.53 -4.63 0.40
C TYR B 92 -1.46 -4.71 1.49
N TRP B 93 -1.46 -3.74 2.40
CA TRP B 93 -0.57 -3.77 3.57
C TRP B 93 -0.80 -5.06 4.39
N ILE B 94 -2.07 -5.32 4.73
CA ILE B 94 -2.40 -6.50 5.51
C ILE B 94 -1.93 -7.83 4.88
N LEU B 95 -2.10 -7.97 3.56
CA LEU B 95 -1.76 -9.20 2.89
C LEU B 95 -0.27 -9.36 2.81
N SER B 96 0.44 -8.26 2.79
CA SER B 96 1.89 -8.33 2.83
C SER B 96 2.37 -9.05 4.07
N GLN B 97 1.59 -8.99 5.17
CA GLN B 97 2.07 -9.60 6.40
C GLN B 97 2.02 -11.13 6.30
N PHE B 98 1.17 -11.61 5.37
CA PHE B 98 0.90 -13.02 5.12
C PHE B 98 1.59 -13.47 3.82
N THR B 99 2.43 -12.62 3.23
CA THR B 99 3.02 -12.98 1.94
C THR B 99 4.51 -13.29 1.99
N PRO B 100 4.86 -14.57 1.76
CA PRO B 100 6.26 -14.99 1.89
C PRO B 100 7.12 -14.44 0.75
N MSE B 101 8.36 -14.06 1.05
CA MSE B 101 9.22 -13.43 0.06
C MSE B 101 9.45 -14.23 -1.24
O MSE B 101 9.36 -13.70 -2.37
CB MSE B 101 10.53 -13.05 0.70
CG MSE B 101 10.42 -11.81 1.61
SE MSE B 101 10.17 -10.18 0.53
CE MSE B 101 11.94 -10.19 -0.36
N GLY B 102 9.72 -15.52 -1.09
CA GLY B 102 9.92 -16.40 -2.21
C GLY B 102 8.76 -16.45 -3.19
N LEU B 103 7.55 -16.21 -2.68
CA LEU B 103 6.39 -16.11 -3.54
C LEU B 103 6.52 -14.93 -4.54
N LEU B 104 7.12 -13.82 -4.09
CA LEU B 104 7.39 -12.69 -4.97
C LEU B 104 8.70 -12.79 -5.76
N GLU B 105 9.75 -13.32 -5.15
CA GLU B 105 11.01 -13.46 -5.87
C GLU B 105 10.86 -14.38 -7.08
N ARG B 106 9.81 -15.20 -7.07
CA ARG B 106 9.60 -16.14 -8.17
C ARG B 106 8.55 -15.66 -9.18
N ALA B 107 7.94 -14.51 -8.94
CA ALA B 107 6.94 -13.94 -9.85
C ALA B 107 7.57 -13.62 -11.21
N HIS B 108 6.96 -14.08 -12.29
CA HIS B 108 7.55 -13.93 -13.62
C HIS B 108 8.00 -12.50 -13.85
N SER B 109 7.10 -11.58 -13.58
CA SER B 109 7.32 -10.22 -14.01
C SER B 109 8.64 -9.71 -13.46
N TYR B 110 8.91 -10.07 -12.22
CA TYR B 110 10.12 -9.66 -11.52
C TYR B 110 11.30 -10.47 -11.97
N LYS B 111 11.17 -11.80 -11.92
CA LYS B 111 12.21 -12.72 -12.37
C LYS B 111 12.78 -12.25 -13.72
N ASP B 112 11.89 -12.09 -14.68
CA ASP B 112 12.30 -11.83 -16.07
C ASP B 112 12.99 -10.47 -16.18
N LYS B 113 12.47 -9.50 -15.45
CA LYS B 113 13.12 -8.19 -15.36
C LYS B 113 14.55 -8.31 -14.86
N VAL B 114 14.75 -9.15 -13.84
CA VAL B 114 16.05 -9.31 -13.21
C VAL B 114 17.00 -10.10 -14.10
N ALA B 115 16.44 -10.89 -15.00
CA ALA B 115 17.24 -11.75 -15.89
C ALA B 115 17.90 -10.92 -16.97
N LYS B 116 17.12 -10.08 -17.64
CA LYS B 116 17.65 -9.17 -18.64
C LYS B 116 18.80 -8.34 -18.08
N GLY B 117 18.83 -8.20 -16.76
CA GLY B 117 19.90 -7.47 -16.09
C GLY B 117 19.45 -6.12 -15.58
N LEU B 118 18.16 -5.83 -15.75
CA LEU B 118 17.61 -4.52 -15.37
C LEU B 118 17.26 -4.48 -13.89
N SER B 119 17.22 -3.28 -13.34
CA SER B 119 16.92 -3.10 -11.91
C SER B 119 15.42 -2.90 -11.74
N ALA B 120 14.95 -3.28 -10.56
CA ALA B 120 13.51 -3.45 -10.35
C ALA B 120 13.04 -2.57 -9.22
N SER B 121 11.88 -1.97 -9.41
CA SER B 121 11.31 -1.14 -8.34
C SER B 121 10.70 -1.99 -7.28
N HIS B 122 10.56 -1.42 -6.10
CA HIS B 122 9.85 -2.14 -5.06
C HIS B 122 8.42 -2.37 -5.56
N GLY B 123 7.91 -1.40 -6.33
CA GLY B 123 6.57 -1.46 -6.90
C GLY B 123 6.42 -2.66 -7.80
N LEU B 124 7.40 -2.89 -8.67
CA LEU B 124 7.35 -4.02 -9.57
C LEU B 124 7.33 -5.32 -8.82
N PHE B 125 8.11 -5.36 -7.75
CA PHE B 125 8.25 -6.55 -6.92
C PHE B 125 6.97 -6.84 -6.15
N SER B 126 6.30 -5.78 -5.74
CA SER B 126 5.15 -5.88 -4.85
C SER B 126 3.81 -5.96 -5.53
N TYR B 127 3.77 -5.65 -6.81
CA TYR B 127 2.49 -5.53 -7.48
C TYR B 127 1.60 -6.78 -7.40
N PRO B 128 2.21 -7.96 -7.35
CA PRO B 128 1.44 -9.19 -7.17
C PRO B 128 0.59 -9.20 -5.90
N VAL B 129 1.05 -8.54 -4.84
CA VAL B 129 0.28 -8.46 -3.60
C VAL B 129 -0.90 -7.50 -3.72
N LEU B 130 -0.69 -6.41 -4.43
CA LEU B 130 -1.76 -5.45 -4.73
C LEU B 130 -2.83 -6.13 -5.55
N MSE B 131 -2.39 -6.79 -6.59
CA MSE B 131 -3.24 -7.57 -7.50
C MSE B 131 -4.10 -8.54 -6.70
O MSE B 131 -5.27 -8.76 -7.00
CB MSE B 131 -2.35 -8.37 -8.43
CG MSE B 131 -3.00 -8.80 -9.70
SE MSE B 131 -1.71 -8.76 -11.19
CE MSE B 131 -1.74 -6.84 -11.60
N ALA B 132 -3.47 -9.17 -5.72
CA ALA B 132 -4.12 -10.15 -4.91
C ALA B 132 -5.10 -9.42 -4.00
N ALA B 133 -4.69 -8.31 -3.41
CA ALA B 133 -5.74 -7.49 -2.76
C ALA B 133 -6.94 -7.16 -3.69
N ASP B 134 -6.72 -6.82 -4.97
CA ASP B 134 -7.81 -6.51 -5.90
C ASP B 134 -8.75 -7.67 -5.98
N ILE B 135 -8.19 -8.81 -6.27
CA ILE B 135 -8.98 -10.02 -6.40
C ILE B 135 -9.79 -10.35 -5.13
N LEU B 136 -9.11 -10.42 -4.01
CA LEU B 136 -9.67 -10.92 -2.74
C LEU B 136 -10.60 -9.92 -2.05
N LEU B 137 -10.40 -8.62 -2.24
CA LEU B 137 -11.26 -7.63 -1.60
C LEU B 137 -12.72 -7.83 -2.01
N PHE B 138 -12.95 -8.28 -3.25
CA PHE B 138 -14.31 -8.46 -3.78
C PHE B 138 -14.90 -9.87 -3.79
N ASP B 139 -14.28 -10.79 -3.07
CA ASP B 139 -14.75 -12.19 -3.05
C ASP B 139 -14.88 -12.73 -4.46
N THR B 140 -13.98 -12.30 -5.33
CA THR B 140 -13.87 -12.84 -6.69
C THR B 140 -13.88 -14.36 -6.72
N ARG B 141 -14.86 -14.95 -7.42
CA ARG B 141 -14.84 -16.36 -7.85
C ARG B 141 -13.94 -16.69 -9.08
N ILE B 142 -14.05 -15.89 -10.13
CA ILE B 142 -13.36 -16.16 -11.39
C ILE B 142 -12.55 -14.96 -11.84
N VAL B 143 -11.30 -15.20 -12.22
CA VAL B 143 -10.50 -14.12 -12.75
C VAL B 143 -10.18 -14.52 -14.16
N PRO B 144 -10.80 -13.84 -15.14
CA PRO B 144 -10.51 -14.21 -16.52
C PRO B 144 -9.07 -13.83 -16.86
N VAL B 145 -8.33 -14.79 -17.35
CA VAL B 145 -6.90 -14.62 -17.46
C VAL B 145 -6.33 -15.14 -18.79
N GLY B 146 -5.17 -14.62 -19.16
CA GLY B 146 -4.47 -15.03 -20.36
C GLY B 146 -3.49 -16.14 -20.07
N LYS B 147 -3.24 -16.95 -21.11
CA LYS B 147 -2.44 -18.17 -21.07
C LYS B 147 -1.15 -18.12 -20.25
N ASP B 148 -0.65 -16.92 -20.01
CA ASP B 148 0.59 -16.73 -19.28
C ASP B 148 0.37 -15.95 -18.00
N GLN B 149 -0.80 -15.35 -17.86
CA GLN B 149 -1.05 -14.48 -16.72
C GLN B 149 -1.49 -15.23 -15.45
N ILE B 150 -1.66 -16.54 -15.57
CA ILE B 150 -2.28 -17.28 -14.51
C ILE B 150 -1.48 -17.31 -13.20
N GLN B 151 -0.21 -16.90 -13.25
CA GLN B 151 0.56 -17.02 -12.04
C GLN B 151 0.01 -16.06 -11.01
N HIS B 152 -0.44 -14.92 -11.51
N HIS B 152 -0.49 -14.92 -11.46
CA HIS B 152 -1.04 -13.89 -10.68
CA HIS B 152 -1.01 -13.93 -10.51
C HIS B 152 -2.16 -14.48 -9.80
C HIS B 152 -2.28 -14.38 -9.78
N VAL B 153 -3.05 -15.26 -10.38
CA VAL B 153 -4.18 -15.82 -9.65
C VAL B 153 -3.73 -16.87 -8.61
N GLU B 154 -2.68 -17.61 -8.95
CA GLU B 154 -2.08 -18.58 -8.05
C GLU B 154 -1.49 -17.91 -6.82
N ILE B 155 -0.95 -16.70 -7.03
CA ILE B 155 -0.37 -15.93 -5.93
C ILE B 155 -1.50 -15.51 -5.00
N ALA B 156 -2.53 -14.88 -5.54
CA ALA B 156 -3.69 -14.54 -4.72
C ALA B 156 -4.22 -15.77 -3.99
N ARG B 157 -4.35 -16.88 -4.70
N ARG B 157 -4.33 -16.89 -4.70
CA ARG B 157 -4.80 -18.12 -4.08
CA ARG B 157 -4.78 -18.12 -4.07
C ARG B 157 -3.92 -18.56 -2.87
C ARG B 157 -3.92 -18.53 -2.87
N ASP B 158 -2.60 -18.43 -2.99
CA ASP B 158 -1.74 -18.74 -1.84
C ASP B 158 -1.90 -17.76 -0.68
N ILE B 159 -2.02 -16.46 -0.96
CA ILE B 159 -2.18 -15.51 0.12
C ILE B 159 -3.50 -15.80 0.82
N ALA B 160 -4.52 -16.10 0.02
CA ALA B 160 -5.85 -16.37 0.55
C ALA B 160 -5.85 -17.50 1.58
N LEU B 161 -5.17 -18.61 1.24
CA LEU B 161 -5.08 -19.77 2.11
C LEU B 161 -4.36 -19.40 3.41
N LYS B 162 -3.22 -18.73 3.27
CA LYS B 162 -2.45 -18.25 4.40
C LYS B 162 -3.34 -17.53 5.39
N VAL B 163 -4.06 -16.52 4.93
CA VAL B 163 -4.92 -15.72 5.80
C VAL B 163 -6.06 -16.53 6.43
N ASN B 164 -6.67 -17.39 5.62
CA ASN B 164 -7.79 -18.22 6.06
C ASN B 164 -7.33 -19.28 7.07
N ASN B 165 -6.11 -19.78 6.90
CA ASN B 165 -5.51 -20.73 7.82
C ASN B 165 -5.42 -20.09 9.17
N GLU B 166 -5.14 -18.79 9.17
CA GLU B 166 -4.83 -18.08 10.39
C GLU B 166 -6.09 -17.49 11.02
N TRP B 167 -7.06 -17.10 10.20
CA TRP B 167 -8.17 -16.31 10.71
C TRP B 167 -9.56 -16.89 10.46
N GLY B 168 -9.58 -18.01 9.75
CA GLY B 168 -10.84 -18.66 9.41
C GLY B 168 -11.25 -18.30 8.00
N GLU B 169 -12.54 -18.43 7.71
CA GLU B 169 -13.06 -18.22 6.34
C GLU B 169 -13.22 -16.74 6.04
N ILE B 170 -12.13 -16.11 5.66
CA ILE B 170 -12.12 -14.70 5.39
C ILE B 170 -12.27 -14.55 3.88
N PHE B 171 -11.63 -15.46 3.13
CA PHE B 171 -11.62 -15.32 1.67
C PHE B 171 -12.16 -16.50 0.91
N THR B 172 -12.81 -16.16 -0.20
CA THR B 172 -13.09 -17.06 -1.29
C THR B 172 -11.81 -17.22 -2.07
N LEU B 173 -11.46 -18.47 -2.35
CA LEU B 173 -10.30 -18.80 -3.17
C LEU B 173 -10.67 -18.59 -4.63
N PRO B 174 -9.86 -17.80 -5.33
CA PRO B 174 -10.26 -17.46 -6.69
C PRO B 174 -9.66 -18.45 -7.67
N GLU B 175 -10.14 -18.42 -8.91
CA GLU B 175 -9.75 -19.42 -9.89
C GLU B 175 -9.53 -18.74 -11.21
N ALA B 176 -8.41 -19.01 -11.85
CA ALA B 176 -8.20 -18.48 -13.19
C ALA B 176 -9.18 -19.19 -14.11
N ARG B 177 -9.70 -18.46 -15.09
CA ARG B 177 -10.41 -19.10 -16.18
C ARG B 177 -9.71 -18.57 -17.37
N VAL B 178 -8.91 -19.41 -18.02
CA VAL B 178 -8.25 -18.99 -19.26
C VAL B 178 -9.32 -18.96 -20.34
N ASN B 179 -9.31 -17.89 -21.12
CA ASN B 179 -10.39 -17.71 -22.08
C ASN B 179 -10.20 -18.55 -23.35
N GLU B 180 -11.30 -19.10 -23.84
CA GLU B 180 -11.31 -19.93 -25.04
C GLU B 180 -10.02 -19.82 -25.87
N ALA B 183 -10.92 -17.54 -31.86
CA ALA B 183 -10.33 -17.27 -33.18
C ALA B 183 -9.47 -16.01 -33.18
N VAL B 184 -8.30 -16.11 -33.79
CA VAL B 184 -7.30 -15.04 -33.78
C VAL B 184 -7.66 -13.90 -34.75
N VAL B 185 -7.36 -12.68 -34.36
CA VAL B 185 -7.55 -11.54 -35.22
C VAL B 185 -6.23 -11.20 -35.94
N VAL B 186 -6.22 -11.36 -37.25
CA VAL B 186 -5.07 -11.07 -38.10
C VAL B 186 -4.67 -9.59 -38.13
N GLY B 187 -3.40 -9.30 -37.91
CA GLY B 187 -2.88 -7.95 -38.01
C GLY B 187 -2.58 -7.52 -39.44
N THR B 188 -2.26 -6.24 -39.63
CA THR B 188 -2.01 -5.68 -40.97
C THR B 188 -0.96 -6.45 -41.74
N ASP B 189 -0.03 -7.08 -41.01
CA ASP B 189 1.12 -7.76 -41.60
C ASP B 189 0.91 -9.26 -41.78
N GLY B 190 -0.31 -9.74 -41.54
CA GLY B 190 -0.60 -11.17 -41.56
C GLY B 190 -0.50 -11.88 -40.21
N ALA B 191 0.33 -11.35 -39.31
CA ALA B 191 0.54 -11.93 -37.99
C ALA B 191 -0.62 -11.58 -37.06
N LYS B 192 -0.76 -12.28 -35.93
CA LYS B 192 -1.79 -11.91 -34.94
C LYS B 192 -1.62 -10.44 -34.68
N MSE B 193 -2.74 -9.73 -34.64
CA MSE B 193 -2.68 -8.31 -34.36
C MSE B 193 -2.35 -8.07 -32.88
O MSE B 193 -3.02 -8.61 -31.99
CB MSE B 193 -4.02 -7.66 -34.73
CG MSE B 193 -3.98 -6.16 -34.73
SE MSE B 193 -5.78 -5.37 -34.98
CE MSE B 193 -5.79 -5.36 -36.94
N SER B 194 -1.32 -7.26 -32.62
CA SER B 194 -0.97 -6.81 -31.27
C SER B 194 -0.25 -5.48 -31.36
N LYS B 195 -0.33 -4.71 -30.29
CA LYS B 195 0.42 -3.47 -30.18
C LYS B 195 1.89 -3.71 -30.58
N SER B 196 2.55 -4.63 -29.89
CA SER B 196 3.96 -4.96 -30.14
C SER B 196 4.37 -5.04 -31.62
N TYR B 197 3.64 -5.85 -32.40
CA TYR B 197 3.93 -6.05 -33.82
C TYR B 197 3.69 -4.83 -34.74
N GLN B 198 3.09 -3.77 -34.21
CA GLN B 198 2.76 -2.60 -35.03
C GLN B 198 1.92 -2.93 -36.26
N ASN B 199 0.97 -3.81 -36.06
CA ASN B 199 0.20 -4.32 -37.16
C ASN B 199 -1.27 -4.12 -36.88
N THR B 200 -1.59 -3.09 -36.09
CA THR B 200 -2.96 -2.92 -35.60
C THR B 200 -3.81 -1.98 -36.44
N ILE B 201 -5.12 -2.14 -36.25
CA ILE B 201 -6.09 -1.19 -36.73
C ILE B 201 -6.84 -0.72 -35.49
N ASP B 202 -6.56 0.53 -35.08
CA ASP B 202 -7.15 1.15 -33.94
C ASP B 202 -8.62 1.51 -34.14
N ILE B 203 -9.34 1.52 -33.03
CA ILE B 203 -10.75 1.78 -33.02
C ILE B 203 -11.03 3.26 -32.85
N PHE B 204 -10.29 3.91 -31.96
CA PHE B 204 -10.56 5.30 -31.63
C PHE B 204 -9.54 6.25 -32.22
N SER B 205 -9.54 6.35 -33.53
CA SER B 205 -8.50 7.09 -34.22
C SER B 205 -9.17 8.06 -35.17
N SER B 206 -8.34 8.85 -35.83
CA SER B 206 -8.83 9.71 -36.90
C SER B 206 -9.11 8.85 -38.12
N GLU B 207 -9.90 9.40 -39.04
CA GLU B 207 -10.15 8.81 -40.36
C GLU B 207 -8.85 8.58 -41.12
N LYS B 208 -7.97 9.57 -41.03
CA LYS B 208 -6.62 9.51 -41.58
C LYS B 208 -5.83 8.32 -41.05
N THR B 209 -5.79 8.16 -39.73
CA THR B 209 -4.99 7.07 -39.14
C THR B 209 -5.54 5.69 -39.49
N LEU B 210 -6.86 5.52 -39.40
CA LEU B 210 -7.52 4.31 -39.95
C LEU B 210 -7.18 3.98 -41.42
N LYS B 211 -7.17 5.00 -42.29
CA LYS B 211 -6.83 4.83 -43.71
C LYS B 211 -5.40 4.39 -43.86
N LYS B 212 -4.48 5.05 -43.17
CA LYS B 212 -3.10 4.61 -43.19
C LYS B 212 -2.98 3.14 -42.78
N GLN B 213 -3.54 2.79 -41.63
CA GLN B 213 -3.42 1.42 -41.12
C GLN B 213 -4.04 0.41 -42.08
N ILE B 214 -5.19 0.77 -42.62
CA ILE B 214 -5.84 -0.15 -43.52
C ILE B 214 -5.02 -0.26 -44.79
N SER B 215 -4.59 0.87 -45.31
CA SER B 215 -3.82 0.83 -46.56
C SER B 215 -2.51 0.05 -46.41
N SER B 216 -2.05 -0.11 -45.17
CA SER B 216 -0.82 -0.85 -44.95
C SER B 216 -1.01 -2.37 -45.06
N ILE B 217 -2.26 -2.84 -45.10
CA ILE B 217 -2.50 -4.28 -45.16
C ILE B 217 -1.81 -4.84 -46.37
N VAL B 218 -1.16 -5.98 -46.22
CA VAL B 218 -0.31 -6.53 -47.26
C VAL B 218 -1.06 -7.59 -48.07
N THR B 219 -0.73 -7.69 -49.36
CA THR B 219 -1.52 -8.47 -50.29
C THR B 219 -0.64 -9.09 -51.37
N ASP B 220 -1.14 -10.13 -52.02
CA ASP B 220 -0.49 -10.68 -53.20
C ASP B 220 -0.59 -9.72 -54.39
N SER B 221 0.10 -10.06 -55.48
CA SER B 221 0.14 -9.19 -56.64
C SER B 221 -0.84 -9.65 -57.72
N THR B 222 -1.90 -10.32 -57.29
CA THR B 222 -3.00 -10.66 -58.19
C THR B 222 -3.55 -9.41 -58.89
N ALA B 223 -3.44 -9.40 -60.21
CA ALA B 223 -3.75 -8.21 -60.98
C ALA B 223 -5.19 -7.74 -60.74
N LEU B 224 -5.44 -6.45 -60.96
CA LEU B 224 -6.79 -5.90 -60.81
C LEU B 224 -7.95 -6.73 -61.42
N GLU B 225 -7.87 -7.05 -62.70
CA GLU B 225 -9.00 -7.73 -63.36
C GLU B 225 -9.24 -9.18 -62.94
N ASP B 226 -8.20 -9.87 -62.45
CA ASP B 226 -8.29 -11.32 -62.17
C ASP B 226 -8.94 -11.68 -60.83
N PRO B 227 -9.67 -12.80 -60.79
CA PRO B 227 -10.13 -13.38 -59.53
C PRO B 227 -9.06 -13.40 -58.42
N LYS B 228 -9.54 -13.19 -57.19
CA LYS B 228 -8.67 -13.09 -56.05
C LYS B 228 -9.04 -14.14 -54.99
N ASP B 229 -8.03 -14.80 -54.43
CA ASP B 229 -8.27 -15.83 -53.43
C ASP B 229 -8.61 -15.22 -52.08
N HIS B 230 -9.90 -15.17 -51.75
CA HIS B 230 -10.31 -14.59 -50.48
C HIS B 230 -9.70 -15.37 -49.33
N GLU B 231 -9.68 -16.69 -49.47
CA GLU B 231 -9.20 -17.59 -48.44
C GLU B 231 -7.74 -17.35 -48.05
N ASN B 232 -7.14 -16.32 -48.60
CA ASN B 232 -5.76 -16.07 -48.25
C ASN B 232 -5.46 -14.62 -47.96
N CYS B 233 -6.41 -13.76 -48.31
CA CYS B 233 -6.25 -12.32 -48.21
C CYS B 233 -6.43 -11.89 -46.78
N ASN B 234 -5.58 -11.00 -46.29
CA ASN B 234 -5.83 -10.39 -44.98
C ASN B 234 -6.99 -9.40 -44.98
N ILE B 235 -7.21 -8.70 -46.09
CA ILE B 235 -8.29 -7.75 -46.11
C ILE B 235 -9.60 -8.51 -45.92
N PHE B 236 -9.74 -9.63 -46.63
CA PHE B 236 -10.93 -10.44 -46.49
C PHE B 236 -11.01 -11.02 -45.07
N LYS B 237 -9.89 -11.51 -44.55
CA LYS B 237 -9.92 -12.03 -43.18
C LYS B 237 -10.52 -11.00 -42.24
N ILE B 238 -10.01 -9.78 -42.27
CA ILE B 238 -10.43 -8.74 -41.34
C ILE B 238 -11.87 -8.27 -41.64
N ALA B 239 -12.15 -8.05 -42.94
CA ALA B 239 -13.49 -7.66 -43.38
C ALA B 239 -14.59 -8.64 -42.92
N LYS B 240 -14.23 -9.90 -42.72
CA LYS B 240 -15.18 -10.92 -42.27
C LYS B 240 -15.73 -10.59 -40.89
N LEU B 241 -14.98 -9.82 -40.10
CA LEU B 241 -15.41 -9.55 -38.74
C LEU B 241 -16.55 -8.56 -38.73
N PHE B 242 -16.76 -7.88 -39.86
CA PHE B 242 -17.74 -6.82 -39.88
C PHE B 242 -18.96 -7.20 -40.66
N LEU B 243 -19.02 -8.48 -41.06
CA LEU B 243 -19.99 -8.91 -42.07
C LEU B 243 -20.70 -10.22 -41.73
N ASP B 244 -22.02 -10.24 -41.86
CA ASP B 244 -22.77 -11.49 -41.61
C ASP B 244 -22.57 -12.51 -42.72
N GLU B 245 -23.41 -13.53 -42.74
CA GLU B 245 -23.28 -14.60 -43.73
C GLU B 245 -23.38 -14.09 -45.14
N SER B 246 -24.54 -13.51 -45.49
CA SER B 246 -24.73 -13.00 -46.83
C SER B 246 -23.70 -11.92 -47.13
N GLY B 247 -23.30 -11.21 -46.07
CA GLY B 247 -22.37 -10.09 -46.18
C GLY B 247 -21.02 -10.56 -46.71
N GLN B 248 -20.51 -11.60 -46.07
CA GLN B 248 -19.24 -12.20 -46.43
C GLN B 248 -19.23 -12.96 -47.76
N LYS B 249 -20.40 -13.41 -48.18
CA LYS B 249 -20.49 -14.23 -49.38
C LYS B 249 -20.66 -13.23 -50.50
N GLU B 250 -21.55 -12.28 -50.25
CA GLU B 250 -21.67 -11.17 -51.13
C GLU B 250 -20.27 -10.73 -51.51
N LEU B 251 -19.34 -10.72 -50.54
CA LEU B 251 -17.99 -10.18 -50.77
C LEU B 251 -17.05 -11.13 -51.50
N GLN B 252 -17.12 -12.42 -51.22
CA GLN B 252 -16.20 -13.30 -51.94
C GLN B 252 -16.63 -13.40 -53.38
N ILE B 253 -17.93 -13.23 -53.62
CA ILE B 253 -18.42 -13.15 -54.98
C ILE B 253 -17.63 -12.04 -55.69
N ARG B 254 -17.47 -10.88 -55.03
CA ARG B 254 -16.67 -9.79 -55.61
C ARG B 254 -15.21 -10.20 -55.90
N TYR B 255 -14.59 -10.92 -54.97
CA TYR B 255 -13.25 -11.50 -55.14
C TYR B 255 -13.20 -12.47 -56.29
N GLU B 256 -14.09 -13.46 -56.28
CA GLU B 256 -13.98 -14.54 -57.23
C GLU B 256 -14.55 -14.18 -58.61
N LYS B 257 -15.07 -12.96 -58.75
CA LYS B 257 -15.47 -12.47 -60.05
C LYS B 257 -14.42 -11.66 -60.77
N GLY B 258 -13.39 -11.20 -60.06
CA GLY B 258 -12.42 -10.31 -60.67
C GLY B 258 -13.13 -9.00 -60.96
N GLY B 259 -12.41 -8.01 -61.48
CA GLY B 259 -13.03 -6.73 -61.75
C GLY B 259 -12.78 -5.66 -60.71
N GLU B 260 -12.67 -6.01 -59.43
CA GLU B 260 -12.32 -5.05 -58.36
C GLU B 260 -10.94 -5.40 -57.86
N GLY B 261 -10.13 -4.39 -57.55
CA GLY B 261 -8.79 -4.66 -57.03
C GLY B 261 -8.73 -4.49 -55.52
N TYR B 262 -7.61 -4.89 -54.91
CA TYR B 262 -7.39 -4.71 -53.48
C TYR B 262 -7.49 -3.27 -53.01
N GLY B 263 -7.07 -2.32 -53.83
CA GLY B 263 -7.26 -0.92 -53.49
C GLY B 263 -8.72 -0.62 -53.25
N HIS B 264 -9.57 -1.23 -54.07
CA HIS B 264 -10.98 -0.98 -53.84
C HIS B 264 -11.53 -1.72 -52.63
N PHE B 265 -10.99 -2.90 -52.36
CA PHE B 265 -11.43 -3.69 -51.23
C PHE B 265 -10.99 -3.00 -49.96
N LYS B 266 -9.74 -2.51 -49.94
CA LYS B 266 -9.28 -1.61 -48.88
C LYS B 266 -10.23 -0.42 -48.67
N ILE B 267 -10.64 0.27 -49.74
CA ILE B 267 -11.69 1.29 -49.60
C ILE B 267 -12.98 0.74 -48.94
N TYR B 268 -13.42 -0.45 -49.36
CA TYR B 268 -14.58 -1.08 -48.74
C TYR B 268 -14.31 -1.28 -47.25
N LEU B 269 -13.18 -1.92 -46.93
CA LEU B 269 -12.85 -2.22 -45.54
C LEU B 269 -12.93 -0.97 -44.63
N ASN B 270 -12.32 0.16 -45.08
CA ASN B 270 -12.52 1.46 -44.46
C ASN B 270 -13.93 1.82 -44.14
N GLU B 271 -14.81 1.72 -45.12
CA GLU B 271 -16.17 2.08 -44.78
C GLU B 271 -16.79 1.12 -43.75
N LEU B 272 -16.41 -0.15 -43.82
CA LEU B 272 -16.94 -1.14 -42.88
C LEU B 272 -16.50 -0.84 -41.43
N VAL B 273 -15.22 -0.55 -41.23
CA VAL B 273 -14.71 -0.27 -39.91
C VAL B 273 -15.26 1.04 -39.41
N ASN B 274 -15.30 2.03 -40.28
N ASN B 274 -15.30 2.02 -40.29
CA ASN B 274 -15.81 3.35 -39.87
CA ASN B 274 -15.79 3.33 -39.91
C ASN B 274 -17.25 3.28 -39.42
C ASN B 274 -17.23 3.29 -39.45
N ALA B 275 -18.05 2.51 -40.15
CA ALA B 275 -19.47 2.44 -39.82
C ALA B 275 -19.67 1.66 -38.55
N TYR B 276 -18.89 0.60 -38.39
CA TYR B 276 -19.16 -0.36 -37.32
C TYR B 276 -18.93 0.28 -35.93
N PHE B 277 -17.95 1.18 -35.89
CA PHE B 277 -17.49 1.76 -34.65
C PHE B 277 -17.94 3.21 -34.49
N LYS B 278 -18.78 3.69 -35.41
CA LYS B 278 -19.18 5.09 -35.39
C LYS B 278 -19.88 5.47 -34.10
N GLU B 279 -20.85 4.68 -33.68
CA GLU B 279 -21.59 4.99 -32.48
C GLU B 279 -20.69 4.93 -31.20
N ALA B 280 -19.76 3.99 -31.17
CA ALA B 280 -18.74 3.90 -30.10
C ALA B 280 -17.88 5.14 -30.09
N ARG B 281 -17.44 5.55 -31.28
CA ARG B 281 -16.49 6.68 -31.40
C ARG B 281 -17.13 7.98 -30.97
N GLU B 282 -18.40 8.13 -31.26
CA GLU B 282 -19.12 9.34 -30.95
C GLU B 282 -19.42 9.35 -29.47
N LYS B 283 -19.66 8.18 -28.90
CA LYS B 283 -19.94 8.08 -27.46
C LYS B 283 -18.64 8.39 -26.74
N TYR B 284 -17.56 7.78 -27.21
CA TYR B 284 -16.21 8.08 -26.73
C TYR B 284 -15.90 9.59 -26.62
N ASN B 285 -16.06 10.28 -27.73
CA ASN B 285 -15.79 11.69 -27.80
C ASN B 285 -16.63 12.49 -26.81
N GLU B 286 -17.90 12.14 -26.60
CA GLU B 286 -18.76 12.88 -25.68
C GLU B 286 -18.26 12.72 -24.26
N LEU B 287 -17.88 11.50 -23.93
CA LEU B 287 -17.45 11.25 -22.55
C LEU B 287 -16.19 12.05 -22.21
N LEU B 288 -15.31 12.27 -23.19
CA LEU B 288 -14.09 13.01 -22.92
C LEU B 288 -14.34 14.51 -23.03
N GLU B 289 -15.19 14.89 -23.97
CA GLU B 289 -15.53 16.29 -24.21
C GLU B 289 -16.37 16.81 -23.06
N LYS B 290 -17.22 15.96 -22.50
CA LYS B 290 -18.03 16.39 -21.37
C LYS B 290 -17.69 15.55 -20.13
N PRO B 291 -16.51 15.82 -19.53
CA PRO B 291 -15.84 14.96 -18.52
C PRO B 291 -16.68 14.61 -17.31
N SER B 292 -17.74 15.36 -17.09
CA SER B 292 -18.57 15.09 -15.95
C SER B 292 -19.61 13.99 -16.12
N HIS B 293 -20.08 13.73 -17.33
CA HIS B 293 -20.85 12.51 -17.49
C HIS B 293 -19.98 11.28 -17.18
N LEU B 294 -18.73 11.32 -17.62
CA LEU B 294 -17.80 10.25 -17.30
C LEU B 294 -17.64 10.09 -15.79
N LYS B 295 -17.38 11.19 -15.08
N LYS B 295 -17.39 11.20 -15.11
CA LYS B 295 -17.15 11.15 -13.63
CA LYS B 295 -17.18 11.23 -13.65
C LYS B 295 -18.38 10.70 -12.82
C LYS B 295 -18.36 10.62 -12.89
N GLU B 296 -19.59 10.92 -13.34
CA GLU B 296 -20.77 10.46 -12.61
C GLU B 296 -20.85 8.96 -12.65
N ILE B 297 -20.44 8.41 -13.79
CA ILE B 297 -20.56 6.99 -14.08
C ILE B 297 -19.49 6.22 -13.31
N LEU B 298 -18.28 6.76 -13.30
CA LEU B 298 -17.20 6.19 -12.50
C LEU B 298 -17.47 6.32 -10.98
N ASP B 299 -18.00 7.45 -10.51
CA ASP B 299 -18.51 7.57 -9.15
C ASP B 299 -19.58 6.54 -8.78
N PHE B 300 -20.51 6.31 -9.67
CA PHE B 300 -21.52 5.32 -9.41
C PHE B 300 -20.83 4.00 -9.24
N GLY B 301 -19.98 3.64 -10.21
CA GLY B 301 -19.26 2.38 -10.18
C GLY B 301 -18.48 2.24 -8.88
N ALA B 302 -17.70 3.27 -8.54
CA ALA B 302 -16.92 3.30 -7.32
C ALA B 302 -17.80 3.12 -6.10
N THR B 303 -19.04 3.60 -6.18
CA THR B 303 -19.93 3.45 -5.06
C THR B 303 -20.36 2.02 -4.84
N LYS B 304 -20.71 1.31 -5.90
CA LYS B 304 -21.00 -0.10 -5.78
C LYS B 304 -19.81 -0.95 -5.34
N ALA B 305 -18.62 -0.70 -5.90
CA ALA B 305 -17.44 -1.49 -5.50
C ALA B 305 -17.15 -1.25 -3.99
N ARG B 306 -17.24 0.02 -3.56
CA ARG B 306 -16.83 0.44 -2.24
C ARG B 306 -17.68 -0.23 -1.14
N LYS B 307 -18.95 -0.52 -1.43
CA LYS B 307 -19.84 -1.13 -0.47
C LYS B 307 -19.44 -2.55 -0.19
N ILE B 308 -18.94 -3.24 -1.21
CA ILE B 308 -18.56 -4.61 -1.03
C ILE B 308 -17.23 -4.63 -0.38
N ALA B 309 -16.42 -3.64 -0.71
CA ALA B 309 -15.07 -3.61 -0.13
C ALA B 309 -15.15 -3.27 1.33
N GLN B 310 -16.06 -2.37 1.68
CA GLN B 310 -16.29 -2.02 3.08
C GLN B 310 -16.85 -3.18 3.95
N GLU B 311 -17.80 -3.93 3.42
CA GLU B 311 -18.28 -5.09 4.12
C GLU B 311 -17.11 -6.04 4.32
N LYS B 312 -16.22 -6.12 3.34
CA LYS B 312 -15.10 -7.04 3.52
C LYS B 312 -14.05 -6.51 4.51
N MSE B 313 -13.71 -5.23 4.42
CA MSE B 313 -12.78 -4.63 5.37
C MSE B 313 -13.30 -4.69 6.79
O MSE B 313 -12.53 -4.75 7.72
CB MSE B 313 -12.44 -3.18 5.01
CG MSE B 313 -11.59 -3.04 3.77
SE MSE B 313 -10.02 -4.24 3.66
CE MSE B 313 -8.81 -3.27 4.90
N GLN B 314 -14.63 -4.63 6.97
CA GLN B 314 -15.19 -4.80 8.32
C GLN B 314 -14.78 -6.13 8.93
N LYS B 315 -14.93 -7.20 8.17
CA LYS B 315 -14.47 -8.49 8.63
C LYS B 315 -13.01 -8.37 9.00
N ILE B 316 -12.19 -7.98 8.04
CA ILE B 316 -10.73 -7.83 8.27
C ILE B 316 -10.28 -7.02 9.53
N TYR B 317 -10.85 -5.83 9.69
CA TYR B 317 -10.73 -5.00 10.86
C TYR B 317 -11.00 -5.71 12.17
N GLU B 318 -12.04 -6.54 12.23
CA GLU B 318 -12.23 -7.39 13.39
C GLU B 318 -10.98 -8.19 13.71
N LYS B 319 -10.36 -8.78 12.67
CA LYS B 319 -9.33 -9.80 12.85
C LYS B 319 -7.95 -9.19 13.04
N ILE B 320 -7.79 -7.93 12.66
CA ILE B 320 -6.48 -7.31 12.77
C ILE B 320 -6.52 -6.26 13.87
N GLY B 321 -7.70 -6.05 14.46
CA GLY B 321 -7.85 -5.08 15.52
C GLY B 321 -8.03 -3.61 15.16
N LEU B 322 -8.45 -3.30 13.94
CA LEU B 322 -8.76 -1.93 13.59
C LEU B 322 -10.20 -1.62 13.92
S SO4 C . 13.00 -0.81 24.29
O1 SO4 C . 14.22 -0.19 23.80
O2 SO4 C . 12.63 -2.03 23.63
O3 SO4 C . 13.26 -1.15 25.67
O4 SO4 C . 11.87 0.10 24.26
S SO4 D . 19.58 -7.84 52.28
O1 SO4 D . 21.02 -7.85 52.58
O2 SO4 D . 19.39 -7.93 50.84
O3 SO4 D . 18.93 -8.99 52.92
O4 SO4 D . 18.95 -6.61 52.80
C1 GOL E . -2.50 -3.15 40.99
O1 GOL E . -2.46 -1.94 40.28
C2 GOL E . -2.16 -2.90 42.47
O2 GOL E . -2.23 -1.52 42.71
C3 GOL E . -0.76 -3.40 42.78
O3 GOL E . -0.75 -4.77 43.14
S SO4 F . -17.23 4.95 27.77
O1 SO4 F . -16.26 6.02 27.99
O2 SO4 F . -16.79 4.11 26.66
O3 SO4 F . -17.30 4.16 29.01
O4 SO4 F . -18.54 5.51 27.47
S SO4 G . -2.22 -6.23 -27.48
O1 SO4 G . -0.85 -5.74 -27.26
O2 SO4 G . -2.59 -5.91 -28.84
O3 SO4 G . -2.34 -7.68 -27.34
O4 SO4 G . -3.14 -5.54 -26.56
S SO4 H . -18.86 18.82 -18.28
O1 SO4 H . -17.62 19.15 -17.58
O2 SO4 H . -18.85 19.45 -19.59
O3 SO4 H . -18.99 17.37 -18.46
O4 SO4 H . -20.01 19.30 -17.49
C1 GOL I . 2.45 -4.10 -13.38
O1 GOL I . 1.62 -3.10 -12.86
C2 GOL I . 1.81 -4.62 -14.66
O2 GOL I . 0.74 -3.74 -14.98
C3 GOL I . 2.84 -4.69 -15.80
O3 GOL I . 4.15 -4.42 -15.33
C1 GOL J . -5.49 -7.88 -11.77
O1 GOL J . -5.16 -7.08 -10.65
C2 GOL J . -6.89 -8.45 -11.56
O2 GOL J . -6.97 -8.94 -10.24
C3 GOL J . -7.26 -9.56 -12.53
O3 GOL J . -7.15 -9.07 -13.84
#